data_6YDC
#
_entry.id   6YDC
#
_cell.length_a   39.790
_cell.length_b   120.800
_cell.length_c   136.360
_cell.angle_alpha   90.000
_cell.angle_beta   92.090
_cell.angle_gamma   90.000
#
_symmetry.space_group_name_H-M   'P 1 21 1'
#
loop_
_entity.id
_entity.type
_entity.pdbx_description
1 polymer 'LPMO lytic polysaccharide monooxygenase'
2 branched beta-D-glucopyranose-(1-4)-beta-D-glucopyranose-(1-4)-beta-D-glucopyranose-(1-4)-beta-D-glucopyranose
3 branched beta-D-glucopyranose-(1-4)-beta-D-glucopyranose-(1-4)-beta-D-glucopyranose
4 non-polymer 'COPPER (II) ION'
5 non-polymer 'SULFATE ION'
6 water water
#
_entity_poly.entity_id   1
_entity_poly.type   'polypeptide(L)'
_entity_poly.pdbx_seq_one_letter_code
;(HIC)TRMFSVWVNGVDQGDGQNVYIRTPPNTDPIKDLASPALACNVKGGEPVPQFVSASAGDKLTFEWYRVKRGDDIID
PSHSGPITTWIAAFTSPTMDGTGPVWSKIHEEGYDASTKSWAVDKLIANKGMWDFTLPSQLKPGKYMLRQEIVAHHESDA
TFDKNPKRGAQFYPSCVQVDVKGVGGDAVPDQAFDFNKGYKYSDPGIAFDMYTDFDSYPIPGPPVWDAQDEGCCFIDGVD
TTSVKEVVKQIICVLK
;
_entity_poly.pdbx_strand_id   A,B,C,D
#
# COMPACT_ATOMS: atom_id res chain seq x y z
N THR A 2 -20.13 -21.67 -7.82
CA THR A 2 -21.16 -21.68 -6.80
C THR A 2 -22.54 -21.85 -7.51
N ARG A 3 -23.53 -22.36 -6.78
CA ARG A 3 -24.91 -22.39 -7.28
C ARG A 3 -25.86 -22.45 -6.07
N MET A 4 -27.16 -22.41 -6.35
CA MET A 4 -28.13 -22.31 -5.27
C MET A 4 -28.60 -23.68 -4.79
N PHE A 5 -28.92 -23.74 -3.48
CA PHE A 5 -29.49 -24.89 -2.86
C PHE A 5 -31.00 -24.71 -2.71
N SER A 6 -31.40 -23.61 -2.06
CA SER A 6 -32.83 -23.44 -1.73
C SER A 6 -33.13 -21.96 -1.53
N VAL A 7 -34.44 -21.69 -1.39
CA VAL A 7 -34.95 -20.38 -1.15
C VAL A 7 -35.66 -20.38 0.22
N TRP A 8 -35.50 -19.30 0.99
CA TRP A 8 -36.23 -19.13 2.27
C TRP A 8 -37.21 -17.95 2.14
N VAL A 9 -38.41 -18.10 2.69
CA VAL A 9 -39.43 -17.06 2.64
C VAL A 9 -39.64 -16.64 4.10
N ASN A 10 -39.34 -15.37 4.40
CA ASN A 10 -39.48 -14.81 5.73
C ASN A 10 -38.81 -15.75 6.75
N GLY A 11 -37.59 -16.18 6.44
CA GLY A 11 -36.79 -16.99 7.38
C GLY A 11 -37.22 -18.46 7.46
N VAL A 12 -38.12 -18.94 6.62
CA VAL A 12 -38.50 -20.36 6.53
C VAL A 12 -37.95 -21.01 5.24
N ASP A 13 -37.05 -21.98 5.43
CA ASP A 13 -36.49 -22.79 4.36
C ASP A 13 -37.63 -23.49 3.60
N GLN A 14 -37.65 -23.34 2.26
CA GLN A 14 -38.66 -23.99 1.39
C GLN A 14 -38.20 -25.41 1.01
N GLY A 15 -36.94 -25.73 1.32
CA GLY A 15 -36.36 -27.05 1.10
C GLY A 15 -35.61 -27.08 -0.21
N ASP A 16 -34.75 -28.08 -0.39
CA ASP A 16 -33.96 -28.25 -1.60
C ASP A 16 -34.80 -27.85 -2.81
N GLY A 17 -34.37 -26.80 -3.49
CA GLY A 17 -35.13 -26.34 -4.65
C GLY A 17 -34.50 -26.76 -5.97
N GLN A 18 -33.37 -27.48 -5.93
CA GLN A 18 -32.63 -27.76 -7.18
C GLN A 18 -33.46 -28.70 -8.07
N ASN A 19 -33.80 -28.22 -9.26
CA ASN A 19 -34.64 -28.91 -10.26
C ASN A 19 -36.06 -29.11 -9.73
N VAL A 20 -36.46 -28.23 -8.80
CA VAL A 20 -37.82 -28.20 -8.20
C VAL A 20 -38.44 -26.83 -8.51
N TYR A 21 -37.89 -25.75 -7.93
CA TYR A 21 -38.28 -24.33 -8.27
C TYR A 21 -37.08 -23.51 -8.76
N ILE A 22 -35.89 -24.11 -8.75
CA ILE A 22 -34.71 -23.52 -9.28
C ILE A 22 -34.34 -24.20 -10.60
N ARG A 23 -34.03 -23.41 -11.64
CA ARG A 23 -33.55 -23.97 -12.90
C ARG A 23 -32.07 -24.29 -12.79
N THR A 24 -31.75 -25.38 -12.09
CA THR A 24 -30.40 -25.68 -11.63
C THR A 24 -29.51 -26.05 -12.80
N PRO A 25 -28.36 -25.40 -13.01
CA PRO A 25 -27.43 -25.86 -14.03
C PRO A 25 -26.79 -27.18 -13.61
N PRO A 26 -26.28 -28.00 -14.55
CA PRO A 26 -25.69 -29.28 -14.18
C PRO A 26 -24.43 -29.16 -13.30
N ASN A 27 -23.71 -28.04 -13.34
CA ASN A 27 -22.59 -27.84 -12.44
C ASN A 27 -22.40 -26.35 -12.14
N THR A 28 -21.28 -25.98 -11.50
CA THR A 28 -21.05 -24.63 -10.99
C THR A 28 -20.24 -23.77 -11.97
N ASP A 29 -20.03 -24.24 -13.20
CA ASP A 29 -19.20 -23.52 -14.14
C ASP A 29 -19.81 -22.15 -14.41
N PRO A 30 -18.96 -21.10 -14.56
CA PRO A 30 -19.44 -19.77 -14.93
C PRO A 30 -19.80 -19.63 -16.42
N ILE A 31 -20.69 -18.68 -16.70
CA ILE A 31 -20.84 -18.08 -18.03
C ILE A 31 -19.89 -16.88 -18.17
N LYS A 32 -19.24 -16.77 -19.33
CA LYS A 32 -18.30 -15.69 -19.62
C LYS A 32 -18.64 -14.94 -20.91
N ASP A 33 -19.20 -15.67 -21.89
CA ASP A 33 -19.50 -15.15 -23.20
C ASP A 33 -20.81 -14.35 -23.11
N LEU A 34 -20.70 -13.02 -23.26
CA LEU A 34 -21.81 -12.10 -23.15
C LEU A 34 -22.84 -12.33 -24.26
N ALA A 35 -22.46 -13.06 -25.33
CA ALA A 35 -23.40 -13.43 -26.39
C ALA A 35 -24.11 -14.75 -26.07
N SER A 36 -23.72 -15.49 -25.03
CA SER A 36 -24.32 -16.78 -24.73
C SER A 36 -25.77 -16.61 -24.28
N PRO A 37 -26.68 -17.44 -24.82
CA PRO A 37 -28.07 -17.51 -24.33
C PRO A 37 -28.18 -17.90 -22.85
N ALA A 38 -27.14 -18.56 -22.33
CA ALA A 38 -27.13 -19.02 -20.92
C ALA A 38 -26.79 -17.88 -19.95
N LEU A 39 -26.41 -16.68 -20.45
CA LEU A 39 -26.11 -15.55 -19.57
C LEU A 39 -27.28 -15.24 -18.61
N ALA A 40 -28.52 -15.35 -19.09
CA ALA A 40 -29.68 -14.98 -18.26
C ALA A 40 -29.96 -16.05 -17.17
N CYS A 41 -30.20 -17.31 -17.56
CA CYS A 41 -30.65 -18.30 -16.61
C CYS A 41 -29.78 -19.56 -16.58
N ASN A 42 -28.56 -19.46 -17.10
CA ASN A 42 -27.54 -20.51 -17.06
C ASN A 42 -27.92 -21.60 -18.08
N VAL A 43 -27.15 -22.69 -18.10
CA VAL A 43 -27.11 -23.64 -19.22
CA VAL A 43 -27.14 -23.60 -19.25
C VAL A 43 -28.45 -24.42 -19.34
N LYS A 44 -29.23 -24.54 -18.25
CA LYS A 44 -30.56 -25.18 -18.44
C LYS A 44 -31.70 -24.16 -18.18
N GLY A 45 -31.43 -22.89 -18.51
CA GLY A 45 -32.34 -21.81 -18.24
C GLY A 45 -33.71 -21.98 -18.87
N GLY A 46 -33.75 -22.71 -19.99
CA GLY A 46 -34.94 -22.86 -20.85
C GLY A 46 -35.81 -24.06 -20.51
N GLU A 47 -35.35 -24.89 -19.58
CA GLU A 47 -36.07 -26.11 -19.19
CA GLU A 47 -36.06 -26.12 -19.19
C GLU A 47 -36.92 -25.81 -17.96
N PRO A 48 -38.25 -25.88 -18.07
CA PRO A 48 -39.13 -25.67 -16.91
C PRO A 48 -38.89 -26.67 -15.76
N VAL A 49 -38.98 -26.20 -14.52
CA VAL A 49 -39.02 -27.07 -13.39
C VAL A 49 -40.44 -26.99 -12.86
N PRO A 50 -40.91 -27.98 -12.06
CA PRO A 50 -42.35 -28.14 -11.84
C PRO A 50 -42.97 -27.20 -10.81
N GLN A 51 -42.18 -26.62 -9.90
CA GLN A 51 -42.73 -25.93 -8.74
CA GLN A 51 -42.72 -25.94 -8.72
C GLN A 51 -42.38 -24.44 -8.79
N PHE A 52 -43.20 -23.65 -8.07
CA PHE A 52 -42.96 -22.22 -7.87
C PHE A 52 -42.85 -21.93 -6.37
N VAL A 53 -41.83 -21.18 -5.96
CA VAL A 53 -41.81 -20.69 -4.60
C VAL A 53 -43.10 -19.90 -4.38
N SER A 54 -43.81 -20.24 -3.31
CA SER A 54 -44.97 -19.48 -2.88
C SER A 54 -44.53 -18.31 -1.99
N ALA A 55 -44.79 -17.06 -2.43
CA ALA A 55 -44.42 -15.88 -1.64
C ALA A 55 -45.44 -14.77 -1.85
N SER A 56 -45.42 -13.76 -0.98
CA SER A 56 -46.25 -12.55 -1.14
C SER A 56 -45.36 -11.37 -1.47
N ALA A 57 -45.89 -10.44 -2.25
CA ALA A 57 -45.23 -9.15 -2.43
C ALA A 57 -44.94 -8.58 -1.03
N GLY A 58 -43.72 -8.08 -0.84
CA GLY A 58 -43.26 -7.49 0.42
C GLY A 58 -42.43 -8.46 1.25
N ASP A 59 -42.48 -9.76 0.92
CA ASP A 59 -41.79 -10.78 1.67
C ASP A 59 -40.28 -10.61 1.50
N LYS A 60 -39.54 -11.04 2.53
CA LYS A 60 -38.12 -11.18 2.48
C LYS A 60 -37.80 -12.59 1.97
N LEU A 61 -37.06 -12.67 0.85
CA LEU A 61 -36.58 -13.91 0.31
C LEU A 61 -35.09 -14.03 0.65
N THR A 62 -34.70 -15.24 1.06
CA THR A 62 -33.29 -15.58 1.19
C THR A 62 -32.95 -16.62 0.12
N PHE A 63 -31.92 -16.37 -0.69
CA PHE A 63 -31.40 -17.34 -1.64
C PHE A 63 -30.11 -17.91 -1.01
N GLU A 64 -30.06 -19.25 -0.87
CA GLU A 64 -28.94 -19.94 -0.22
C GLU A 64 -28.05 -20.57 -1.30
N TRP A 65 -26.76 -20.25 -1.27
CA TRP A 65 -25.80 -20.74 -2.19
C TRP A 65 -24.88 -21.75 -1.53
N TYR A 66 -24.15 -22.53 -2.35
CA TYR A 66 -23.14 -23.44 -1.89
C TYR A 66 -22.17 -23.73 -3.02
N ARG A 67 -21.07 -24.42 -2.71
CA ARG A 67 -20.00 -24.64 -3.71
C ARG A 67 -20.05 -26.08 -4.20
N VAL A 68 -19.83 -27.03 -3.28
CA VAL A 68 -19.81 -28.45 -3.58
C VAL A 68 -20.85 -29.18 -2.74
N LYS A 69 -20.96 -28.84 -1.47
CA LYS A 69 -21.95 -29.45 -0.61
C LYS A 69 -22.64 -28.35 0.18
N ARG A 70 -23.94 -28.51 0.45
CA ARG A 70 -24.66 -27.53 1.24
C ARG A 70 -23.89 -27.22 2.52
N GLY A 71 -23.83 -25.94 2.88
CA GLY A 71 -23.23 -25.51 4.16
C GLY A 71 -21.70 -25.40 4.12
N ASP A 72 -21.10 -25.33 2.93
CA ASP A 72 -19.60 -25.36 2.81
C ASP A 72 -19.05 -23.92 2.73
N ASP A 73 -17.93 -23.73 2.03
CA ASP A 73 -17.26 -22.41 1.93
C ASP A 73 -17.97 -21.52 0.90
N ILE A 74 -18.97 -22.04 0.18
CA ILE A 74 -19.96 -21.29 -0.64
C ILE A 74 -19.36 -20.92 -2.02
N ILE A 75 -18.21 -20.25 -1.98
CA ILE A 75 -17.52 -19.77 -3.19
C ILE A 75 -16.09 -19.39 -2.78
N ASP A 76 -15.14 -19.64 -3.65
CA ASP A 76 -13.76 -19.29 -3.37
C ASP A 76 -13.66 -17.79 -3.13
N PRO A 77 -12.99 -17.32 -2.04
CA PRO A 77 -12.92 -15.90 -1.75
C PRO A 77 -12.21 -15.04 -2.79
N SER A 78 -11.41 -15.64 -3.66
CA SER A 78 -10.84 -14.91 -4.82
C SER A 78 -11.92 -14.25 -5.69
N HIS A 79 -13.16 -14.77 -5.62
CA HIS A 79 -14.21 -14.44 -6.60
C HIS A 79 -14.97 -13.17 -6.21
N SER A 80 -14.25 -12.12 -5.82
CA SER A 80 -14.84 -10.87 -5.40
C SER A 80 -15.75 -10.30 -6.48
N GLY A 81 -16.89 -9.75 -6.05
CA GLY A 81 -17.69 -8.96 -6.95
C GLY A 81 -19.09 -8.74 -6.40
N PRO A 82 -19.99 -8.21 -7.26
CA PRO A 82 -21.34 -7.81 -6.91
C PRO A 82 -22.32 -8.98 -6.93
N ILE A 83 -23.45 -8.79 -6.29
CA ILE A 83 -24.55 -9.71 -6.41
C ILE A 83 -25.78 -8.89 -6.70
N THR A 84 -26.46 -9.22 -7.79
CA THR A 84 -27.68 -8.48 -8.23
C THR A 84 -28.87 -9.43 -8.31
N THR A 85 -30.06 -8.89 -8.03
CA THR A 85 -31.29 -9.64 -8.13
C THR A 85 -32.26 -8.92 -9.09
N TRP A 86 -32.89 -9.69 -9.99
CA TRP A 86 -33.76 -9.22 -11.08
C TRP A 86 -35.07 -10.00 -11.06
N ILE A 87 -36.08 -9.45 -11.76
CA ILE A 87 -37.38 -10.05 -11.89
C ILE A 87 -37.88 -9.82 -13.31
N ALA A 88 -38.60 -10.83 -13.83
CA ALA A 88 -39.21 -10.81 -15.16
C ALA A 88 -40.55 -11.54 -15.06
N ALA A 89 -41.50 -11.17 -15.90
CA ALA A 89 -42.72 -11.91 -15.93
C ALA A 89 -42.40 -13.34 -16.37
N PHE A 90 -43.14 -14.31 -15.78
CA PHE A 90 -43.09 -15.68 -16.26
C PHE A 90 -44.00 -15.79 -17.49
N THR A 91 -43.44 -15.60 -18.67
CA THR A 91 -44.21 -15.43 -19.92
C THR A 91 -44.84 -16.77 -20.39
N SER A 92 -44.02 -17.82 -20.36
CA SER A 92 -44.39 -19.20 -20.65
C SER A 92 -43.36 -20.13 -20.01
N PRO A 93 -43.71 -21.41 -19.74
CA PRO A 93 -42.78 -22.33 -19.11
C PRO A 93 -41.43 -22.47 -19.84
N THR A 94 -41.38 -22.39 -21.18
CA THR A 94 -40.09 -22.62 -21.85
C THR A 94 -39.35 -21.30 -22.14
N MET A 95 -39.72 -20.22 -21.47
CA MET A 95 -38.89 -19.02 -21.50
C MET A 95 -37.48 -19.39 -20.99
N ASP A 96 -36.44 -18.74 -21.50
CA ASP A 96 -35.09 -18.99 -21.03
C ASP A 96 -34.45 -17.71 -20.45
N GLY A 97 -35.25 -16.65 -20.34
CA GLY A 97 -34.81 -15.39 -19.76
C GLY A 97 -33.96 -14.53 -20.70
N THR A 98 -33.84 -14.93 -21.98
CA THR A 98 -33.31 -14.06 -23.00
C THR A 98 -34.38 -13.03 -23.37
N GLY A 99 -33.93 -12.01 -24.11
CA GLY A 99 -34.75 -10.90 -24.60
C GLY A 99 -34.93 -9.78 -23.58
N PRO A 100 -35.69 -8.74 -23.98
CA PRO A 100 -35.82 -7.53 -23.16
C PRO A 100 -36.93 -7.56 -22.09
N VAL A 101 -36.68 -8.27 -20.98
CA VAL A 101 -37.75 -8.65 -20.09
C VAL A 101 -37.45 -8.36 -18.61
N TRP A 102 -36.22 -7.96 -18.25
CA TRP A 102 -35.81 -7.94 -16.81
C TRP A 102 -35.86 -6.55 -16.18
N SER A 103 -36.11 -6.55 -14.89
CA SER A 103 -36.00 -5.34 -14.05
C SER A 103 -35.15 -5.68 -12.82
N LYS A 104 -34.22 -4.80 -12.47
CA LYS A 104 -33.37 -4.99 -11.29
C LYS A 104 -34.16 -4.61 -10.01
N ILE A 105 -34.15 -5.50 -9.02
CA ILE A 105 -34.85 -5.24 -7.77
C ILE A 105 -33.92 -5.12 -6.56
N HIS A 106 -32.64 -5.48 -6.68
CA HIS A 106 -31.72 -5.36 -5.56
C HIS A 106 -30.28 -5.48 -6.08
N GLU A 107 -29.35 -4.84 -5.39
CA GLU A 107 -27.93 -4.93 -5.78
C GLU A 107 -27.03 -4.62 -4.58
N GLU A 108 -25.87 -5.27 -4.54
CA GLU A 108 -24.76 -4.88 -3.70
C GLU A 108 -23.50 -5.10 -4.52
N GLY A 109 -22.63 -4.10 -4.47
CA GLY A 109 -21.34 -4.16 -5.11
C GLY A 109 -20.24 -4.14 -4.07
N TYR A 110 -19.47 -3.05 -4.13
CA TYR A 110 -18.32 -2.80 -3.29
C TYR A 110 -18.64 -1.67 -2.33
N ASP A 111 -18.40 -1.89 -1.03
CA ASP A 111 -18.57 -0.87 0.02
CA ASP A 111 -18.57 -0.86 0.02
C ASP A 111 -17.19 -0.33 0.42
N ALA A 112 -16.92 0.93 0.05
CA ALA A 112 -15.61 1.53 0.28
C ALA A 112 -15.33 1.69 1.78
N SER A 113 -16.36 1.92 2.59
CA SER A 113 -16.18 2.19 4.04
CA SER A 113 -16.21 2.18 4.04
C SER A 113 -15.56 0.97 4.72
N THR A 114 -16.00 -0.26 4.34
CA THR A 114 -15.47 -1.51 4.94
C THR A 114 -14.53 -2.28 4.01
N LYS A 115 -14.30 -1.77 2.80
CA LYS A 115 -13.49 -2.41 1.73
C LYS A 115 -14.00 -3.82 1.47
N SER A 116 -15.32 -3.98 1.45
CA SER A 116 -15.96 -5.27 1.45
C SER A 116 -16.85 -5.43 0.18
N TRP A 117 -16.72 -6.56 -0.50
CA TRP A 117 -17.61 -6.89 -1.63
C TRP A 117 -18.84 -7.66 -1.14
N ALA A 118 -19.87 -7.65 -1.98
CA ALA A 118 -21.04 -8.48 -1.81
C ALA A 118 -20.62 -9.94 -1.59
N VAL A 119 -19.65 -10.44 -2.37
CA VAL A 119 -19.24 -11.81 -2.23
C VAL A 119 -18.61 -12.06 -0.83
N ASP A 120 -17.89 -11.10 -0.26
CA ASP A 120 -17.36 -11.23 1.10
C ASP A 120 -18.51 -11.39 2.11
N LYS A 121 -19.56 -10.62 1.93
CA LYS A 121 -20.69 -10.70 2.82
C LYS A 121 -21.43 -12.05 2.65
N LEU A 122 -21.59 -12.51 1.40
CA LEU A 122 -22.18 -13.83 1.12
C LEU A 122 -21.46 -14.93 1.90
N ILE A 123 -20.12 -14.93 1.89
CA ILE A 123 -19.31 -15.92 2.59
C ILE A 123 -19.49 -15.79 4.10
N ALA A 124 -19.35 -14.58 4.64
CA ALA A 124 -19.48 -14.34 6.05
C ALA A 124 -20.88 -14.78 6.54
N ASN A 125 -21.90 -14.72 5.68
CA ASN A 125 -23.26 -15.10 6.09
C ASN A 125 -23.64 -16.50 5.59
N LYS A 126 -22.63 -17.34 5.32
CA LYS A 126 -22.81 -18.77 5.05
C LYS A 126 -23.74 -18.98 3.84
N GLY A 127 -23.59 -18.13 2.84
CA GLY A 127 -24.22 -18.33 1.54
C GLY A 127 -25.67 -17.92 1.53
N MET A 128 -26.13 -17.24 2.59
CA MET A 128 -27.50 -16.72 2.66
C MET A 128 -27.53 -15.29 2.12
N TRP A 129 -28.28 -15.04 1.04
CA TRP A 129 -28.36 -13.69 0.43
C TRP A 129 -29.81 -13.23 0.46
N ASP A 130 -30.09 -12.11 1.15
CA ASP A 130 -31.45 -11.62 1.41
C ASP A 130 -31.85 -10.47 0.47
N PHE A 131 -33.16 -10.39 0.12
CA PHE A 131 -33.72 -9.26 -0.59
C PHE A 131 -35.22 -9.29 -0.36
N THR A 132 -35.90 -8.18 -0.73
CA THR A 132 -37.34 -8.04 -0.55
CA THR A 132 -37.34 -8.05 -0.56
C THR A 132 -38.02 -8.01 -1.92
N LEU A 133 -39.15 -8.71 -2.06
CA LEU A 133 -39.96 -8.53 -3.22
C LEU A 133 -40.69 -7.20 -2.98
N PRO A 134 -40.70 -6.26 -3.96
CA PRO A 134 -41.43 -5.01 -3.82
C PRO A 134 -42.90 -5.24 -3.45
N SER A 135 -43.40 -4.50 -2.47
CA SER A 135 -44.78 -4.73 -2.00
C SER A 135 -45.84 -4.29 -3.03
N GLN A 136 -45.41 -3.49 -4.01
CA GLN A 136 -46.29 -2.97 -5.05
C GLN A 136 -46.48 -3.99 -6.19
N LEU A 137 -45.67 -5.04 -6.19
CA LEU A 137 -45.65 -6.02 -7.27
C LEU A 137 -47.05 -6.56 -7.54
N LYS A 138 -47.47 -6.52 -8.81
CA LYS A 138 -48.70 -7.14 -9.21
C LYS A 138 -48.63 -8.65 -9.00
N PRO A 139 -49.67 -9.29 -8.44
CA PRO A 139 -49.66 -10.73 -8.22
C PRO A 139 -49.57 -11.51 -9.54
N GLY A 140 -48.87 -12.66 -9.51
CA GLY A 140 -48.73 -13.56 -10.68
C GLY A 140 -47.37 -14.24 -10.64
N LYS A 141 -47.05 -14.98 -11.70
CA LYS A 141 -45.87 -15.78 -11.74
C LYS A 141 -44.74 -14.93 -12.34
N TYR A 142 -43.55 -15.04 -11.74
CA TYR A 142 -42.38 -14.35 -12.16
C TYR A 142 -41.19 -15.32 -12.16
N MET A 143 -40.18 -14.93 -12.92
CA MET A 143 -38.87 -15.50 -12.75
C MET A 143 -38.03 -14.47 -12.00
N LEU A 144 -37.38 -14.93 -10.93
CA LEU A 144 -36.40 -14.16 -10.19
C LEU A 144 -35.02 -14.67 -10.61
N ARG A 145 -34.06 -13.79 -10.75
CA ARG A 145 -32.74 -14.14 -11.18
C ARG A 145 -31.76 -13.47 -10.21
N GLN A 146 -30.81 -14.26 -9.70
CA GLN A 146 -29.80 -13.71 -8.85
C GLN A 146 -28.47 -14.11 -9.46
N GLU A 147 -27.55 -13.14 -9.52
CA GLU A 147 -26.31 -13.35 -10.23
C GLU A 147 -25.15 -12.91 -9.34
N ILE A 148 -24.15 -13.80 -9.20
CA ILE A 148 -22.90 -13.43 -8.65
C ILE A 148 -21.96 -13.19 -9.81
N VAL A 149 -21.28 -12.02 -9.83
CA VAL A 149 -20.24 -11.77 -10.81
C VAL A 149 -18.90 -11.77 -10.09
N ALA A 150 -17.95 -12.60 -10.57
CA ALA A 150 -16.61 -12.73 -9.98
C ALA A 150 -15.60 -12.03 -10.91
N HIS A 151 -14.74 -11.21 -10.30
CA HIS A 151 -13.90 -10.29 -11.04
C HIS A 151 -12.44 -10.67 -10.90
N HIS A 152 -12.16 -11.86 -10.41
CA HIS A 152 -10.72 -12.24 -10.21
C HIS A 152 -9.95 -12.25 -11.53
N GLU A 153 -10.66 -12.38 -12.65
CA GLU A 153 -9.99 -12.39 -13.99
C GLU A 153 -10.58 -11.33 -14.95
N SER A 154 -11.28 -10.35 -14.39
CA SER A 154 -11.96 -9.33 -15.15
C SER A 154 -11.00 -8.25 -15.68
N ASP A 155 -9.71 -8.34 -15.36
CA ASP A 155 -8.72 -7.33 -15.82
C ASP A 155 -8.38 -7.59 -17.30
N ALA A 156 -8.94 -8.65 -17.90
CA ALA A 156 -9.02 -8.77 -19.36
C ALA A 156 -10.48 -9.04 -19.71
N THR A 157 -10.87 -8.82 -20.98
CA THR A 157 -12.21 -9.18 -21.37
C THR A 157 -12.18 -10.49 -22.16
N PHE A 158 -13.30 -11.21 -22.12
CA PHE A 158 -13.45 -12.52 -22.74
C PHE A 158 -13.24 -12.47 -24.27
N ASP A 159 -13.69 -11.39 -24.91
CA ASP A 159 -13.58 -11.24 -26.36
C ASP A 159 -12.10 -11.10 -26.76
N LYS A 160 -11.25 -10.59 -25.87
CA LYS A 160 -9.83 -10.42 -26.16
C LYS A 160 -9.02 -11.63 -25.68
N ASN A 161 -9.33 -12.17 -24.51
CA ASN A 161 -8.65 -13.35 -23.96
C ASN A 161 -9.70 -14.28 -23.38
N PRO A 162 -10.15 -15.31 -24.14
CA PRO A 162 -11.21 -16.21 -23.66
C PRO A 162 -10.83 -17.07 -22.44
N LYS A 163 -9.54 -17.19 -22.11
CA LYS A 163 -9.12 -17.86 -20.86
C LYS A 163 -9.43 -17.01 -19.60
N ARG A 164 -9.74 -15.72 -19.76
CA ARG A 164 -10.00 -14.83 -18.64
C ARG A 164 -11.39 -14.17 -18.82
N GLY A 165 -11.61 -13.02 -18.15
CA GLY A 165 -12.85 -12.27 -18.22
C GLY A 165 -13.74 -12.49 -16.99
N ALA A 166 -14.71 -11.56 -16.82
CA ALA A 166 -15.71 -11.64 -15.81
C ALA A 166 -16.40 -13.01 -15.88
N GLN A 167 -16.75 -13.53 -14.71
CA GLN A 167 -17.44 -14.79 -14.57
C GLN A 167 -18.83 -14.56 -13.96
N PHE A 168 -19.87 -14.97 -14.67
CA PHE A 168 -21.23 -14.76 -14.27
C PHE A 168 -21.78 -16.09 -13.75
N TYR A 169 -22.38 -16.06 -12.55
CA TYR A 169 -23.04 -17.19 -11.94
C TYR A 169 -24.53 -16.87 -11.75
N PRO A 170 -25.33 -17.01 -12.81
CA PRO A 170 -26.76 -16.72 -12.72
C PRO A 170 -27.57 -17.90 -12.21
N SER A 171 -28.65 -17.58 -11.48
CA SER A 171 -29.59 -18.58 -10.98
C SER A 171 -30.99 -18.00 -11.09
N CYS A 172 -31.86 -18.70 -11.85
CA CYS A 172 -33.25 -18.37 -12.03
C CYS A 172 -34.13 -19.28 -11.20
N VAL A 173 -35.14 -18.65 -10.57
CA VAL A 173 -36.01 -19.24 -9.62
C VAL A 173 -37.45 -18.89 -10.02
N GLN A 174 -38.35 -19.90 -10.05
CA GLN A 174 -39.72 -19.70 -10.39
C GLN A 174 -40.52 -19.33 -9.11
N VAL A 175 -41.25 -18.20 -9.16
CA VAL A 175 -41.96 -17.67 -8.01
CA VAL A 175 -41.96 -17.66 -8.01
C VAL A 175 -43.40 -17.33 -8.40
N ASP A 176 -44.33 -17.68 -7.51
CA ASP A 176 -45.75 -17.37 -7.65
C ASP A 176 -46.11 -16.38 -6.52
N VAL A 177 -46.23 -15.10 -6.90
CA VAL A 177 -46.36 -13.97 -6.00
C VAL A 177 -47.84 -13.73 -5.71
N LYS A 178 -48.19 -13.78 -4.42
CA LYS A 178 -49.50 -13.28 -3.93
C LYS A 178 -49.40 -11.76 -3.73
N GLY A 179 -50.43 -11.05 -4.19
CA GLY A 179 -50.46 -9.61 -4.14
C GLY A 179 -50.97 -9.11 -2.81
N VAL A 180 -50.55 -7.90 -2.43
CA VAL A 180 -50.99 -7.27 -1.20
C VAL A 180 -51.61 -5.90 -1.53
N GLY A 181 -52.10 -5.75 -2.77
CA GLY A 181 -52.79 -4.53 -3.21
C GLY A 181 -52.05 -3.82 -4.34
N GLY A 182 -50.84 -4.29 -4.68
CA GLY A 182 -50.02 -3.67 -5.68
C GLY A 182 -50.42 -4.07 -7.10
N ASP A 183 -50.12 -3.18 -8.03
CA ASP A 183 -50.44 -3.29 -9.41
C ASP A 183 -49.21 -3.07 -10.29
N ALA A 184 -48.01 -2.95 -9.71
CA ALA A 184 -46.86 -2.55 -10.48
C ALA A 184 -46.31 -3.73 -11.28
N VAL A 185 -46.06 -3.47 -12.56
CA VAL A 185 -45.42 -4.45 -13.46
C VAL A 185 -44.01 -3.99 -13.79
N PRO A 186 -42.98 -4.78 -13.45
CA PRO A 186 -41.58 -4.42 -13.74
C PRO A 186 -41.39 -4.10 -15.22
N ASP A 187 -40.79 -2.94 -15.55
CA ASP A 187 -40.83 -2.48 -16.92
C ASP A 187 -39.51 -1.90 -17.40
N GLN A 188 -38.39 -2.28 -16.79
CA GLN A 188 -37.08 -1.86 -17.31
C GLN A 188 -36.78 -2.52 -18.67
N ALA A 189 -37.31 -3.75 -18.87
CA ALA A 189 -37.15 -4.57 -20.05
C ALA A 189 -35.68 -4.71 -20.45
N PHE A 190 -34.85 -4.97 -19.46
CA PHE A 190 -33.42 -5.15 -19.66
C PHE A 190 -33.13 -6.53 -20.28
N ASP A 191 -32.15 -6.53 -21.18
CA ASP A 191 -31.77 -7.66 -21.99
C ASP A 191 -30.28 -7.88 -21.76
N PHE A 192 -29.90 -8.98 -21.07
CA PHE A 192 -28.52 -9.21 -20.63
C PHE A 192 -27.56 -9.25 -21.83
N ASN A 193 -27.97 -9.93 -22.92
CA ASN A 193 -27.08 -10.16 -24.06
C ASN A 193 -26.84 -8.85 -24.82
N LYS A 194 -27.81 -7.94 -24.80
CA LYS A 194 -27.64 -6.62 -25.45
C LYS A 194 -27.03 -5.59 -24.46
N GLY A 195 -27.44 -5.63 -23.19
CA GLY A 195 -27.11 -4.58 -22.20
C GLY A 195 -25.78 -4.76 -21.46
N TYR A 196 -25.29 -5.99 -21.35
CA TYR A 196 -23.96 -6.22 -20.82
C TYR A 196 -22.99 -6.21 -22.01
N LYS A 197 -21.99 -5.32 -21.95
CA LYS A 197 -20.99 -5.17 -22.97
C LYS A 197 -19.58 -5.27 -22.38
N TYR A 198 -18.60 -5.67 -23.22
CA TYR A 198 -17.19 -5.75 -22.81
C TYR A 198 -16.64 -4.34 -22.50
N SER A 199 -17.27 -3.29 -23.06
CA SER A 199 -16.87 -1.88 -22.83
C SER A 199 -17.31 -1.40 -21.43
N ASP A 200 -18.22 -2.12 -20.78
CA ASP A 200 -18.79 -1.69 -19.50
C ASP A 200 -17.67 -1.66 -18.45
N PRO A 201 -17.41 -0.53 -17.75
CA PRO A 201 -16.36 -0.49 -16.73
C PRO A 201 -16.60 -1.44 -15.53
N GLY A 202 -17.85 -1.89 -15.35
CA GLY A 202 -18.16 -2.88 -14.30
C GLY A 202 -18.04 -4.33 -14.73
N ILE A 203 -17.65 -4.56 -16.00
CA ILE A 203 -17.36 -5.87 -16.55
C ILE A 203 -15.87 -5.97 -16.88
N ALA A 204 -15.39 -4.97 -17.61
CA ALA A 204 -13.95 -4.73 -17.85
C ALA A 204 -13.39 -3.97 -16.64
N PHE A 205 -13.17 -4.70 -15.55
CA PHE A 205 -12.89 -4.12 -14.25
C PHE A 205 -11.65 -4.79 -13.68
N ASP A 206 -10.70 -3.99 -13.24
CA ASP A 206 -9.44 -4.43 -12.59
C ASP A 206 -9.59 -4.30 -11.06
N MET A 207 -9.80 -5.44 -10.38
CA MET A 207 -10.00 -5.45 -8.93
C MET A 207 -8.66 -5.37 -8.20
N TYR A 208 -7.54 -5.39 -8.94
CA TYR A 208 -6.22 -5.36 -8.38
C TYR A 208 -5.64 -3.94 -8.48
N THR A 209 -6.44 -2.91 -8.23
CA THR A 209 -5.98 -1.53 -8.15
CA THR A 209 -5.98 -1.52 -8.16
C THR A 209 -6.59 -0.86 -6.92
N ASP A 210 -6.06 0.32 -6.62
CA ASP A 210 -6.68 1.23 -5.72
C ASP A 210 -7.88 1.82 -6.47
N PHE A 211 -9.04 1.31 -6.11
CA PHE A 211 -10.31 1.86 -6.44
C PHE A 211 -11.02 1.91 -5.08
N ASP A 212 -12.00 2.82 -4.99
CA ASP A 212 -12.90 2.83 -3.88
C ASP A 212 -14.32 2.92 -4.43
N SER A 213 -14.56 2.53 -5.70
CA SER A 213 -15.92 2.39 -6.19
CA SER A 213 -15.90 2.43 -6.21
C SER A 213 -16.00 1.33 -7.28
N TYR A 214 -17.17 0.70 -7.36
CA TYR A 214 -17.44 -0.27 -8.39
C TYR A 214 -18.75 0.10 -9.03
N PRO A 215 -18.79 0.28 -10.38
CA PRO A 215 -20.03 0.59 -11.09
C PRO A 215 -20.84 -0.66 -11.49
N ILE A 216 -21.99 -0.89 -10.82
CA ILE A 216 -22.69 -2.12 -11.00
C ILE A 216 -23.36 -2.04 -12.37
N PRO A 217 -23.15 -3.04 -13.27
CA PRO A 217 -23.75 -3.01 -14.60
C PRO A 217 -25.28 -2.96 -14.52
N GLY A 218 -25.84 -2.26 -15.50
CA GLY A 218 -27.25 -2.23 -15.70
C GLY A 218 -27.87 -1.00 -15.05
N PRO A 219 -29.19 -0.85 -15.15
CA PRO A 219 -29.84 0.31 -14.59
C PRO A 219 -29.88 0.29 -13.06
N PRO A 220 -30.24 1.41 -12.43
CA PRO A 220 -30.51 1.39 -11.01
C PRO A 220 -31.74 0.50 -10.71
N VAL A 221 -31.88 0.14 -9.45
CA VAL A 221 -32.95 -0.70 -9.00
C VAL A 221 -34.28 -0.04 -9.41
N TRP A 222 -35.20 -0.84 -9.91
CA TRP A 222 -36.52 -0.42 -10.39
C TRP A 222 -37.30 0.34 -9.31
N ASP A 223 -38.02 1.41 -9.68
CA ASP A 223 -38.79 2.17 -8.65
C ASP A 223 -40.32 1.98 -8.79
N ALA A 224 -41.01 2.95 -9.42
CA ALA A 224 -42.48 3.20 -9.22
C ALA A 224 -43.09 3.94 -10.43
N THR B 2 12.47 5.90 -21.33
CA THR B 2 13.79 6.50 -21.31
C THR B 2 14.68 5.75 -22.32
N ARG B 3 15.75 6.41 -22.79
CA ARG B 3 16.77 5.76 -23.60
C ARG B 3 18.08 6.54 -23.45
N MET B 4 19.15 6.01 -24.04
CA MET B 4 20.44 6.60 -23.87
C MET B 4 20.75 7.68 -24.94
N PHE B 5 21.54 8.67 -24.50
CA PHE B 5 22.06 9.68 -25.33
C PHE B 5 23.52 9.36 -25.75
N SER B 6 24.39 9.15 -24.77
CA SER B 6 25.82 9.00 -25.02
C SER B 6 26.47 8.22 -23.87
N VAL B 7 27.76 7.92 -24.10
CA VAL B 7 28.60 7.24 -23.14
C VAL B 7 29.77 8.15 -22.80
N TRP B 8 30.14 8.21 -21.50
CA TRP B 8 31.36 8.94 -21.06
C TRP B 8 32.44 7.95 -20.58
N VAL B 9 33.69 8.22 -20.93
CA VAL B 9 34.81 7.36 -20.55
C VAL B 9 35.70 8.20 -19.63
N ASN B 10 35.80 7.79 -18.37
CA ASN B 10 36.56 8.48 -17.35
C ASN B 10 36.16 9.96 -17.34
N GLY B 11 34.85 10.22 -17.37
CA GLY B 11 34.38 11.61 -17.23
C GLY B 11 34.48 12.46 -18.51
N VAL B 12 34.82 11.84 -19.65
CA VAL B 12 34.82 12.53 -20.95
C VAL B 12 33.69 11.99 -21.83
N ASP B 13 32.76 12.89 -22.17
CA ASP B 13 31.65 12.61 -23.11
C ASP B 13 32.21 12.17 -24.46
N GLN B 14 31.74 11.02 -24.96
CA GLN B 14 32.16 10.51 -26.28
C GLN B 14 31.30 11.14 -27.41
N GLY B 15 30.21 11.80 -27.03
CA GLY B 15 29.35 12.54 -27.94
C GLY B 15 28.16 11.68 -28.34
N ASP B 16 27.09 12.31 -28.86
CA ASP B 16 25.85 11.62 -29.20
C ASP B 16 26.20 10.24 -29.77
N GLY B 17 25.77 9.20 -29.08
CA GLY B 17 26.05 7.86 -29.53
C GLY B 17 24.87 7.19 -30.24
N GLN B 18 23.75 7.92 -30.39
CA GLN B 18 22.52 7.25 -30.85
C GLN B 18 22.68 6.87 -32.33
N ASN B 19 22.62 5.56 -32.60
CA ASN B 19 22.80 4.96 -33.95
C ASN B 19 24.23 5.17 -34.44
N VAL B 20 25.16 5.35 -33.49
CA VAL B 20 26.60 5.51 -33.74
C VAL B 20 27.34 4.35 -33.06
N TYR B 21 27.30 4.29 -31.72
CA TYR B 21 27.81 3.14 -30.91
C TYR B 21 26.72 2.54 -30.02
N ILE B 22 25.55 3.16 -30.02
CA ILE B 22 24.42 2.66 -29.27
C ILE B 22 23.38 2.10 -30.26
N ARG B 23 22.87 0.88 -30.00
CA ARG B 23 21.79 0.34 -30.80
C ARG B 23 20.45 0.93 -30.38
N THR B 24 20.22 2.17 -30.80
CA THR B 24 19.15 3.01 -30.32
C THR B 24 17.81 2.51 -30.84
N PRO B 25 16.82 2.23 -29.98
CA PRO B 25 15.50 1.88 -30.48
C PRO B 25 14.82 3.10 -31.07
N PRO B 26 13.80 2.94 -31.92
CA PRO B 26 13.11 4.08 -32.51
C PRO B 26 12.43 5.03 -31.50
N ASN B 27 12.04 4.53 -30.32
CA ASN B 27 11.43 5.38 -29.30
C ASN B 27 11.70 4.77 -27.94
N THR B 28 11.03 5.28 -26.88
CA THR B 28 11.34 4.96 -25.50
C THR B 28 10.42 3.86 -24.95
N ASP B 29 9.64 3.21 -25.81
CA ASP B 29 8.70 2.21 -25.38
C ASP B 29 9.43 1.07 -24.67
N PRO B 30 8.84 0.55 -23.57
CA PRO B 30 9.39 -0.60 -22.87
C PRO B 30 9.14 -1.94 -23.61
N ILE B 31 9.99 -2.91 -23.33
CA ILE B 31 9.73 -4.36 -23.51
C ILE B 31 9.04 -4.90 -22.26
N LYS B 32 8.00 -5.72 -22.45
CA LYS B 32 7.30 -6.37 -21.32
C LYS B 32 7.22 -7.89 -21.48
N ASP B 33 7.18 -8.38 -22.72
CA ASP B 33 7.03 -9.77 -23.01
C ASP B 33 8.39 -10.46 -22.89
N LEU B 34 8.51 -11.29 -21.85
CA LEU B 34 9.75 -12.02 -21.52
C LEU B 34 10.15 -13.01 -22.63
N ALA B 35 9.22 -13.34 -23.54
CA ALA B 35 9.58 -14.15 -24.74
C ALA B 35 10.07 -13.29 -25.90
N SER B 36 9.98 -11.96 -25.83
CA SER B 36 10.36 -11.09 -26.95
C SER B 36 11.88 -11.15 -27.19
N PRO B 37 12.31 -11.30 -28.46
CA PRO B 37 13.73 -11.22 -28.80
C PRO B 37 14.34 -9.85 -28.49
N ALA B 38 13.50 -8.82 -28.38
CA ALA B 38 13.94 -7.44 -28.10
C ALA B 38 14.25 -7.24 -26.62
N LEU B 39 13.98 -8.24 -25.75
CA LEU B 39 14.30 -8.12 -24.30
C LEU B 39 15.80 -7.83 -24.09
N ALA B 40 16.68 -8.42 -24.91
CA ALA B 40 18.14 -8.24 -24.70
C ALA B 40 18.60 -6.84 -25.16
N CYS B 41 18.38 -6.48 -26.44
CA CYS B 41 18.98 -5.25 -26.96
C CYS B 41 17.95 -4.32 -27.61
N ASN B 42 16.67 -4.52 -27.28
CA ASN B 42 15.58 -3.64 -27.68
C ASN B 42 15.27 -3.93 -29.16
N VAL B 43 14.34 -3.17 -29.72
CA VAL B 43 13.65 -3.48 -30.98
CA VAL B 43 13.66 -3.51 -30.98
C VAL B 43 14.61 -3.42 -32.19
N LYS B 44 15.73 -2.69 -32.08
CA LYS B 44 16.71 -2.70 -33.18
C LYS B 44 18.03 -3.36 -32.76
N GLY B 45 17.93 -4.31 -31.82
CA GLY B 45 19.10 -4.87 -31.18
C GLY B 45 20.01 -5.60 -32.13
N GLY B 46 19.45 -6.08 -33.23
CA GLY B 46 20.18 -6.90 -34.22
C GLY B 46 20.81 -6.12 -35.36
N GLU B 47 20.61 -4.79 -35.38
CA GLU B 47 21.15 -3.94 -36.46
CA GLU B 47 21.15 -3.95 -36.46
C GLU B 47 22.46 -3.35 -35.97
N PRO B 48 23.59 -3.68 -36.62
CA PRO B 48 24.86 -3.07 -36.25
C PRO B 48 24.87 -1.54 -36.46
N VAL B 49 25.53 -0.84 -35.55
CA VAL B 49 25.82 0.54 -35.72
C VAL B 49 27.32 0.61 -35.97
N PRO B 50 27.84 1.68 -36.61
CA PRO B 50 29.18 1.63 -37.20
C PRO B 50 30.36 1.77 -36.24
N GLN B 51 30.15 2.31 -35.03
CA GLN B 51 31.27 2.71 -34.17
CA GLN B 51 31.27 2.71 -34.16
C GLN B 51 31.25 1.89 -32.87
N PHE B 52 32.43 1.85 -32.23
CA PHE B 52 32.60 1.20 -30.91
C PHE B 52 33.21 2.20 -29.92
N VAL B 53 32.61 2.34 -28.74
CA VAL B 53 33.25 3.12 -27.71
C VAL B 53 34.66 2.58 -27.45
N SER B 54 35.64 3.47 -27.52
CA SER B 54 37.00 3.20 -27.18
C SER B 54 37.20 3.32 -25.67
N ALA B 55 37.62 2.25 -25.00
CA ALA B 55 37.83 2.26 -23.54
C ALA B 55 38.86 1.21 -23.18
N SER B 56 39.41 1.29 -21.96
CA SER B 56 40.34 0.30 -21.41
C SER B 56 39.65 -0.46 -20.28
N ALA B 57 40.04 -1.72 -20.10
CA ALA B 57 39.64 -2.46 -18.94
C ALA B 57 40.07 -1.64 -17.72
N GLY B 58 39.16 -1.49 -16.75
CA GLY B 58 39.40 -0.71 -15.53
C GLY B 58 38.77 0.67 -15.59
N ASP B 59 38.41 1.14 -16.79
CA ASP B 59 37.84 2.47 -16.98
C ASP B 59 36.46 2.58 -16.37
N LYS B 60 36.15 3.79 -15.91
CA LYS B 60 34.85 4.17 -15.40
C LYS B 60 34.00 4.67 -16.56
N LEU B 61 32.89 4.00 -16.84
CA LEU B 61 31.99 4.35 -17.94
C LEU B 61 30.75 5.00 -17.33
N THR B 62 30.32 6.08 -17.95
CA THR B 62 29.06 6.70 -17.61
C THR B 62 28.09 6.52 -18.78
N PHE B 63 26.91 5.98 -18.53
CA PHE B 63 25.86 5.90 -19.53
C PHE B 63 24.86 7.01 -19.19
N GLU B 64 24.58 7.88 -20.17
CA GLU B 64 23.68 9.03 -19.97
C GLU B 64 22.34 8.73 -20.63
N TRP B 65 21.27 8.84 -19.87
CA TRP B 65 19.94 8.62 -20.30
C TRP B 65 19.18 9.95 -20.43
N TYR B 66 18.04 9.91 -21.14
CA TYR B 66 17.13 11.01 -21.24
C TYR B 66 15.73 10.51 -21.62
N ARG B 67 14.74 11.38 -21.58
CA ARG B 67 13.36 10.95 -21.80
C ARG B 67 12.88 11.39 -23.19
N VAL B 68 12.83 12.72 -23.40
CA VAL B 68 12.41 13.30 -24.66
C VAL B 68 13.51 14.18 -25.25
N LYS B 69 14.19 14.95 -24.39
CA LYS B 69 15.31 15.74 -24.86
C LYS B 69 16.46 15.60 -23.88
N ARG B 70 17.71 15.60 -24.38
CA ARG B 70 18.87 15.53 -23.54
C ARG B 70 18.77 16.57 -22.42
N GLY B 71 19.09 16.17 -21.19
CA GLY B 71 19.10 17.10 -20.05
C GLY B 71 17.73 17.38 -19.43
N ASP B 72 16.75 16.49 -19.67
CA ASP B 72 15.38 16.70 -19.14
C ASP B 72 15.21 15.89 -17.83
N ASP B 73 13.98 15.42 -17.56
CA ASP B 73 13.63 14.72 -16.36
C ASP B 73 14.07 13.25 -16.38
N ILE B 74 14.57 12.75 -17.52
CA ILE B 74 15.28 11.48 -17.72
C ILE B 74 14.30 10.30 -17.82
N ILE B 75 13.42 10.18 -16.83
CA ILE B 75 12.45 9.12 -16.73
C ILE B 75 11.42 9.54 -15.67
N ASP B 76 10.16 9.23 -15.88
CA ASP B 76 9.15 9.60 -14.92
C ASP B 76 9.47 8.94 -13.57
N PRO B 77 9.45 9.67 -12.44
CA PRO B 77 9.82 9.10 -11.14
C PRO B 77 8.91 7.96 -10.66
N SER B 78 7.70 7.82 -11.23
CA SER B 78 6.85 6.65 -10.99
C SER B 78 7.60 5.34 -11.28
N HIS B 79 8.61 5.36 -12.15
CA HIS B 79 9.22 4.18 -12.74
C HIS B 79 10.30 3.57 -11.81
N SER B 80 9.99 3.44 -10.53
CA SER B 80 10.94 2.89 -9.55
C SER B 80 11.43 1.51 -9.99
N GLY B 81 12.74 1.27 -9.83
CA GLY B 81 13.26 -0.05 -9.92
C GLY B 81 14.78 -0.07 -10.03
N PRO B 82 15.34 -1.27 -10.36
CA PRO B 82 16.79 -1.50 -10.42
C PRO B 82 17.40 -1.07 -11.77
N ILE B 83 18.71 -0.97 -11.79
CA ILE B 83 19.46 -0.74 -13.00
C ILE B 83 20.61 -1.72 -12.98
N THR B 84 20.72 -2.52 -14.01
CA THR B 84 21.76 -3.56 -14.14
C THR B 84 22.58 -3.35 -15.42
N THR B 85 23.86 -3.72 -15.36
CA THR B 85 24.77 -3.60 -16.47
C THR B 85 25.40 -4.98 -16.71
N TRP B 86 25.43 -5.39 -17.97
CA TRP B 86 25.85 -6.72 -18.45
C TRP B 86 26.89 -6.56 -19.57
N ILE B 87 27.62 -7.64 -19.84
CA ILE B 87 28.62 -7.69 -20.91
C ILE B 87 28.53 -9.06 -21.57
N ALA B 88 28.73 -9.06 -22.90
CA ALA B 88 28.78 -10.25 -23.74
C ALA B 88 29.88 -10.03 -24.79
N ALA B 89 30.46 -11.11 -25.28
CA ALA B 89 31.38 -11.00 -26.40
C ALA B 89 30.60 -10.41 -27.59
N PHE B 90 31.31 -9.57 -28.37
CA PHE B 90 30.76 -9.12 -29.64
C PHE B 90 31.08 -10.23 -30.68
N THR B 91 30.15 -11.16 -30.87
CA THR B 91 30.38 -12.41 -31.60
C THR B 91 30.46 -12.14 -33.12
N SER B 92 29.51 -11.31 -33.60
CA SER B 92 29.42 -10.88 -34.99
C SER B 92 28.50 -9.65 -35.04
N PRO B 93 28.63 -8.79 -36.09
CA PRO B 93 27.84 -7.56 -36.16
C PRO B 93 26.33 -7.76 -36.04
N THR B 94 25.79 -8.87 -36.56
CA THR B 94 24.30 -9.01 -36.57
C THR B 94 23.82 -9.82 -35.37
N MET B 95 24.65 -9.98 -34.34
CA MET B 95 24.17 -10.47 -33.06
C MET B 95 23.02 -9.56 -32.57
N ASP B 96 22.06 -10.11 -31.87
CA ASP B 96 20.95 -9.33 -31.31
C ASP B 96 20.88 -9.44 -29.78
N GLY B 97 21.88 -10.11 -29.21
CA GLY B 97 22.05 -10.32 -27.76
C GLY B 97 21.13 -11.38 -27.19
N THR B 98 20.43 -12.12 -28.07
CA THR B 98 19.70 -13.33 -27.65
C THR B 98 20.71 -14.47 -27.43
N GLY B 99 20.18 -15.52 -26.78
CA GLY B 99 20.90 -16.73 -26.44
C GLY B 99 21.75 -16.58 -25.17
N PRO B 100 22.51 -17.64 -24.84
CA PRO B 100 23.23 -17.69 -23.55
C PRO B 100 24.64 -17.08 -23.55
N VAL B 101 24.70 -15.73 -23.46
CA VAL B 101 25.93 -15.04 -23.75
C VAL B 101 26.32 -13.97 -22.68
N TRP B 102 25.45 -13.66 -21.69
CA TRP B 102 25.66 -12.45 -20.87
C TRP B 102 26.21 -12.74 -19.47
N SER B 103 26.99 -11.78 -18.98
CA SER B 103 27.50 -11.78 -17.62
C SER B 103 27.17 -10.42 -16.97
N LYS B 104 26.70 -10.43 -15.73
CA LYS B 104 26.34 -9.21 -15.02
C LYS B 104 27.62 -8.59 -14.43
N ILE B 105 27.83 -7.29 -14.66
CA ILE B 105 29.02 -6.60 -14.16
C ILE B 105 28.70 -5.49 -13.15
N HIS B 106 27.43 -5.07 -13.03
CA HIS B 106 27.08 -4.08 -12.06
C HIS B 106 25.58 -4.10 -11.80
N GLU B 107 25.16 -3.77 -10.60
CA GLU B 107 23.75 -3.70 -10.26
C GLU B 107 23.50 -2.75 -9.07
N GLU B 108 22.34 -2.08 -9.09
CA GLU B 108 21.78 -1.45 -7.93
C GLU B 108 20.28 -1.69 -8.00
N GLY B 109 19.72 -2.00 -6.85
CA GLY B 109 18.29 -2.20 -6.70
C GLY B 109 17.68 -1.15 -5.79
N TYR B 110 17.22 -1.62 -4.63
CA TYR B 110 16.62 -0.86 -3.60
C TYR B 110 17.54 -0.81 -2.39
N ASP B 111 17.80 0.40 -1.88
CA ASP B 111 18.60 0.62 -0.66
C ASP B 111 17.66 0.96 0.51
N ALA B 112 17.56 0.03 1.46
CA ALA B 112 16.61 0.14 2.55
C ALA B 112 16.98 1.29 3.50
N SER B 113 18.29 1.58 3.63
CA SER B 113 18.80 2.66 4.51
C SER B 113 18.19 4.02 4.11
N THR B 114 18.13 4.30 2.78
CA THR B 114 17.65 5.58 2.26
C THR B 114 16.27 5.49 1.59
N LYS B 115 15.68 4.28 1.58
CA LYS B 115 14.41 4.00 0.87
C LYS B 115 14.47 4.48 -0.57
N SER B 116 15.61 4.23 -1.21
CA SER B 116 15.94 4.80 -2.48
C SER B 116 16.18 3.69 -3.52
N TRP B 117 15.54 3.81 -4.69
CA TRP B 117 15.77 2.93 -5.83
C TRP B 117 16.90 3.46 -6.71
N ALA B 118 17.49 2.56 -7.49
CA ALA B 118 18.48 2.93 -8.50
C ALA B 118 17.90 4.03 -9.40
N VAL B 119 16.62 3.91 -9.77
CA VAL B 119 16.00 4.91 -10.64
C VAL B 119 15.97 6.28 -9.92
N ASP B 120 15.72 6.34 -8.60
CA ASP B 120 15.80 7.59 -7.87
C ASP B 120 17.20 8.24 -8.00
N LYS B 121 18.22 7.41 -7.86
CA LYS B 121 19.57 7.89 -7.96
C LYS B 121 19.88 8.39 -9.40
N LEU B 122 19.42 7.64 -10.42
CA LEU B 122 19.59 8.05 -11.83
C LEU B 122 19.05 9.48 -12.05
N ILE B 123 17.82 9.76 -11.56
CA ILE B 123 17.17 11.06 -11.71
C ILE B 123 17.95 12.15 -10.96
N ALA B 124 18.28 11.88 -9.70
CA ALA B 124 19.01 12.84 -8.90
C ALA B 124 20.36 13.17 -9.54
N ASN B 125 20.94 12.25 -10.31
CA ASN B 125 22.25 12.46 -10.95
C ASN B 125 22.11 12.81 -12.45
N LYS B 126 20.92 13.31 -12.84
CA LYS B 126 20.70 13.90 -14.18
C LYS B 126 20.97 12.87 -15.28
N GLY B 127 20.59 11.63 -15.01
CA GLY B 127 20.59 10.60 -16.01
C GLY B 127 21.98 10.03 -16.27
N MET B 128 22.94 10.32 -15.39
CA MET B 128 24.29 9.80 -15.51
C MET B 128 24.40 8.54 -14.67
N TRP B 129 24.67 7.37 -15.27
CA TRP B 129 24.78 6.08 -14.50
C TRP B 129 26.20 5.53 -14.70
N ASP B 130 26.94 5.36 -13.61
CA ASP B 130 28.37 5.00 -13.62
C ASP B 130 28.59 3.52 -13.30
N PHE B 131 29.62 2.92 -13.92
CA PHE B 131 30.10 1.58 -13.58
C PHE B 131 31.53 1.47 -14.06
N THR B 132 32.23 0.41 -13.66
CA THR B 132 33.60 0.14 -14.07
CA THR B 132 33.61 0.16 -14.08
C THR B 132 33.65 -1.09 -14.98
N LEU B 133 34.47 -1.04 -16.03
CA LEU B 133 34.76 -2.23 -16.76
C LEU B 133 35.76 -2.99 -15.92
N PRO B 134 35.57 -4.30 -15.65
CA PRO B 134 36.52 -5.07 -14.84
C PRO B 134 37.94 -4.97 -15.41
N SER B 135 38.92 -4.74 -14.55
CA SER B 135 40.29 -4.52 -15.03
C SER B 135 40.93 -5.82 -15.56
N GLN B 136 40.35 -6.98 -15.25
CA GLN B 136 40.92 -8.24 -15.72
CA GLN B 136 40.85 -8.27 -15.68
C GLN B 136 40.35 -8.63 -17.09
N LEU B 137 39.37 -7.88 -17.59
CA LEU B 137 38.71 -8.17 -18.85
C LEU B 137 39.73 -8.39 -19.98
N LYS B 138 39.61 -9.51 -20.69
CA LYS B 138 40.42 -9.74 -21.85
C LYS B 138 40.12 -8.70 -22.92
N PRO B 139 41.14 -8.14 -23.61
CA PRO B 139 40.92 -7.12 -24.65
C PRO B 139 40.13 -7.68 -25.83
N GLY B 140 39.27 -6.85 -26.44
CA GLY B 140 38.40 -7.28 -27.55
C GLY B 140 37.13 -6.46 -27.62
N LYS B 141 36.24 -6.81 -28.55
CA LYS B 141 35.00 -6.12 -28.72
C LYS B 141 33.95 -6.83 -27.88
N TYR B 142 33.10 -6.03 -27.22
CA TYR B 142 32.03 -6.54 -26.41
C TYR B 142 30.77 -5.74 -26.72
N MET B 143 29.65 -6.34 -26.36
CA MET B 143 28.44 -5.59 -26.21
C MET B 143 28.22 -5.38 -24.70
N LEU B 144 27.98 -4.13 -24.33
CA LEU B 144 27.54 -3.77 -22.96
C LEU B 144 26.04 -3.53 -23.02
N ARG B 145 25.31 -3.98 -22.02
CA ARG B 145 23.89 -3.79 -21.95
C ARG B 145 23.58 -3.14 -20.61
N GLN B 146 22.77 -2.11 -20.63
CA GLN B 146 22.32 -1.50 -19.38
C GLN B 146 20.80 -1.45 -19.49
N GLU B 147 20.16 -1.79 -18.39
CA GLU B 147 18.74 -1.98 -18.35
C GLU B 147 18.18 -1.27 -17.11
N ILE B 148 17.18 -0.43 -17.34
CA ILE B 148 16.33 0.07 -16.30
C ILE B 148 15.08 -0.79 -16.30
N VAL B 149 14.71 -1.33 -15.12
CA VAL B 149 13.43 -2.01 -14.96
C VAL B 149 12.53 -1.16 -14.08
N ALA B 150 11.32 -0.86 -14.58
CA ALA B 150 10.33 -0.03 -13.88
C ALA B 150 9.22 -0.95 -13.37
N HIS B 151 8.87 -0.77 -12.10
CA HIS B 151 8.02 -1.69 -11.38
C HIS B 151 6.71 -1.01 -11.03
N HIS B 152 6.42 0.14 -11.62
CA HIS B 152 5.18 0.85 -11.24
C HIS B 152 3.94 0.01 -11.62
N GLU B 153 4.09 -0.95 -12.53
CA GLU B 153 2.92 -1.86 -12.88
C GLU B 153 3.25 -3.34 -12.68
N SER B 154 4.32 -3.64 -11.94
CA SER B 154 4.81 -5.00 -11.75
C SER B 154 3.97 -5.78 -10.72
N ASP B 155 2.93 -5.17 -10.14
CA ASP B 155 2.05 -5.87 -9.20
C ASP B 155 1.10 -6.82 -9.96
N ALA B 156 1.15 -6.82 -11.29
CA ALA B 156 0.63 -7.96 -12.10
C ALA B 156 1.75 -8.41 -13.03
N THR B 157 1.65 -9.64 -13.55
CA THR B 157 2.59 -10.08 -14.54
C THR B 157 1.95 -9.97 -15.93
N PHE B 158 2.81 -9.80 -16.94
CA PHE B 158 2.38 -9.53 -18.32
C PHE B 158 1.57 -10.70 -18.89
N ASP B 159 1.95 -11.93 -18.54
CA ASP B 159 1.29 -13.13 -19.02
C ASP B 159 -0.16 -13.19 -18.52
N LYS B 160 -0.45 -12.58 -17.36
CA LYS B 160 -1.80 -12.58 -16.82
C LYS B 160 -2.58 -11.32 -17.21
N ASN B 161 -1.92 -10.15 -17.21
CA ASN B 161 -2.53 -8.87 -17.59
C ASN B 161 -1.55 -8.12 -18.48
N PRO B 162 -1.66 -8.23 -19.82
CA PRO B 162 -0.71 -7.58 -20.71
C PRO B 162 -0.72 -6.04 -20.69
N LYS B 163 -1.75 -5.42 -20.12
CA LYS B 163 -1.78 -3.95 -19.93
CA LYS B 163 -1.79 -3.95 -19.94
C LYS B 163 -0.83 -3.51 -18.80
N ARG B 164 -0.36 -4.45 -17.97
CA ARG B 164 0.54 -4.13 -16.86
C ARG B 164 1.80 -4.98 -16.99
N GLY B 165 2.54 -5.15 -15.89
CA GLY B 165 3.75 -5.96 -15.82
C GLY B 165 4.99 -5.09 -15.78
N ALA B 166 6.11 -5.72 -15.39
CA ALA B 166 7.41 -5.07 -15.35
C ALA B 166 7.68 -4.46 -16.74
N GLN B 167 8.36 -3.31 -16.75
CA GLN B 167 8.74 -2.62 -17.95
C GLN B 167 10.27 -2.59 -18.07
N PHE B 168 10.82 -3.17 -19.13
CA PHE B 168 12.24 -3.28 -19.31
C PHE B 168 12.68 -2.26 -20.35
N TYR B 169 13.69 -1.45 -20.04
CA TYR B 169 14.33 -0.46 -20.92
C TYR B 169 15.80 -0.86 -21.12
N PRO B 170 16.06 -1.84 -22.01
CA PRO B 170 17.44 -2.22 -22.30
C PRO B 170 18.09 -1.29 -23.34
N SER B 171 19.40 -1.10 -23.20
CA SER B 171 20.21 -0.36 -24.14
C SER B 171 21.54 -1.09 -24.33
N CYS B 172 21.86 -1.42 -25.59
CA CYS B 172 23.09 -2.12 -25.92
C CYS B 172 24.03 -1.14 -26.61
N VAL B 173 25.30 -1.21 -26.21
CA VAL B 173 26.35 -0.31 -26.57
C VAL B 173 27.56 -1.14 -27.04
N GLN B 174 28.11 -0.79 -28.20
CA GLN B 174 29.26 -1.46 -28.78
C GLN B 174 30.54 -0.88 -28.19
N VAL B 175 31.41 -1.73 -27.61
CA VAL B 175 32.63 -1.28 -26.95
C VAL B 175 33.82 -2.08 -27.44
N ASP B 176 34.92 -1.37 -27.71
CA ASP B 176 36.22 -1.97 -28.07
C ASP B 176 37.20 -1.72 -26.91
N VAL B 177 37.42 -2.78 -26.12
CA VAL B 177 38.16 -2.74 -24.87
C VAL B 177 39.65 -2.99 -25.14
N LYS B 178 40.47 -2.01 -24.74
CA LYS B 178 41.94 -2.20 -24.63
C LYS B 178 42.24 -2.89 -23.29
N GLY B 179 43.12 -3.87 -23.32
CA GLY B 179 43.43 -4.66 -22.11
C GLY B 179 44.45 -3.91 -21.25
N VAL B 180 44.51 -4.25 -19.97
CA VAL B 180 45.61 -3.78 -19.12
C VAL B 180 46.34 -4.98 -18.52
N GLY B 181 46.25 -6.13 -19.21
CA GLY B 181 46.98 -7.34 -18.86
C GLY B 181 46.06 -8.48 -18.39
N GLY B 182 44.74 -8.22 -18.39
CA GLY B 182 43.77 -9.22 -18.03
C GLY B 182 43.47 -10.21 -19.14
N ASP B 183 43.03 -11.39 -18.74
CA ASP B 183 42.67 -12.45 -19.65
C ASP B 183 41.27 -13.01 -19.32
N ALA B 184 40.49 -12.35 -18.48
CA ALA B 184 39.24 -12.92 -18.03
C ALA B 184 38.17 -12.76 -19.11
N VAL B 185 37.47 -13.86 -19.41
CA VAL B 185 36.35 -13.85 -20.35
C VAL B 185 35.04 -14.07 -19.59
N PRO B 186 34.08 -13.12 -19.66
CA PRO B 186 32.79 -13.27 -19.00
C PRO B 186 32.11 -14.58 -19.36
N ASP B 187 31.69 -15.38 -18.37
CA ASP B 187 31.30 -16.76 -18.62
C ASP B 187 30.01 -17.17 -17.90
N GLN B 188 29.17 -16.23 -17.49
CA GLN B 188 27.91 -16.59 -16.84
C GLN B 188 26.92 -17.19 -17.86
N ALA B 189 27.03 -16.72 -19.12
CA ALA B 189 26.26 -17.23 -20.29
C ALA B 189 24.76 -17.16 -20.00
N PHE B 190 24.34 -16.04 -19.42
CA PHE B 190 22.94 -15.79 -19.10
C PHE B 190 22.18 -15.40 -20.37
N ASP B 191 20.94 -15.88 -20.40
CA ASP B 191 20.05 -15.73 -21.51
C ASP B 191 18.77 -15.10 -20.98
N PHE B 192 18.48 -13.84 -21.36
CA PHE B 192 17.36 -13.08 -20.76
C PHE B 192 16.02 -13.79 -20.96
N ASN B 193 15.78 -14.34 -22.16
CA ASN B 193 14.49 -14.93 -22.52
C ASN B 193 14.25 -16.22 -21.75
N LYS B 194 15.32 -16.94 -21.42
CA LYS B 194 15.19 -18.17 -20.61
C LYS B 194 15.24 -17.83 -19.10
N GLY B 195 16.11 -16.90 -18.68
CA GLY B 195 16.42 -16.69 -17.24
C GLY B 195 15.52 -15.66 -16.53
N TYR B 196 14.87 -14.77 -17.27
CA TYR B 196 13.85 -13.89 -16.67
C TYR B 196 12.51 -14.62 -16.79
N LYS B 197 11.84 -14.83 -15.65
CA LYS B 197 10.60 -15.55 -15.58
C LYS B 197 9.55 -14.71 -14.82
N TYR B 198 8.26 -14.94 -15.12
CA TYR B 198 7.15 -14.28 -14.44
C TYR B 198 7.08 -14.72 -12.97
N SER B 199 7.64 -15.89 -12.65
CA SER B 199 7.68 -16.40 -11.27
C SER B 199 8.73 -15.66 -10.43
N ASP B 200 9.66 -14.96 -11.05
CA ASP B 200 10.78 -14.34 -10.34
C ASP B 200 10.23 -13.28 -9.40
N PRO B 201 10.54 -13.32 -8.08
CA PRO B 201 10.02 -12.32 -7.15
C PRO B 201 10.50 -10.87 -7.45
N GLY B 202 11.56 -10.73 -8.27
CA GLY B 202 12.03 -9.42 -8.65
C GLY B 202 11.41 -8.88 -9.94
N ILE B 203 10.50 -9.68 -10.54
CA ILE B 203 9.77 -9.32 -11.76
C ILE B 203 8.29 -9.21 -11.42
N ALA B 204 7.78 -10.24 -10.74
CA ALA B 204 6.47 -10.24 -10.07
C ALA B 204 6.67 -9.57 -8.69
N PHE B 205 6.78 -8.24 -8.70
CA PHE B 205 7.16 -7.47 -7.55
C PHE B 205 6.13 -6.36 -7.34
N ASP B 206 5.61 -6.27 -6.10
CA ASP B 206 4.62 -5.26 -5.70
C ASP B 206 5.34 -4.14 -4.92
N MET B 207 5.55 -2.99 -5.55
CA MET B 207 6.26 -1.88 -4.90
C MET B 207 5.32 -1.07 -3.99
N TYR B 208 4.03 -1.41 -3.97
CA TYR B 208 3.03 -0.70 -3.26
C TYR B 208 2.69 -1.40 -1.93
N THR B 209 3.71 -1.88 -1.22
CA THR B 209 3.56 -2.54 0.09
C THR B 209 4.68 -2.04 1.00
N ASP B 210 4.61 -2.43 2.28
CA ASP B 210 5.79 -2.31 3.10
C ASP B 210 6.72 -3.49 2.72
N PHE B 211 7.76 -3.14 2.01
CA PHE B 211 8.84 -4.00 1.70
C PHE B 211 10.12 -3.26 2.13
N ASP B 212 11.14 -4.07 2.40
CA ASP B 212 12.37 -3.76 2.99
C ASP B 212 13.52 -4.04 2.03
N SER B 213 13.25 -4.83 1.00
CA SER B 213 14.30 -5.46 0.19
CA SER B 213 14.25 -5.58 0.24
C SER B 213 13.73 -5.84 -1.18
N TYR B 214 14.62 -5.83 -2.18
CA TYR B 214 14.24 -6.12 -3.54
C TYR B 214 15.26 -7.13 -4.06
N PRO B 215 14.82 -8.30 -4.57
CA PRO B 215 15.75 -9.30 -5.13
C PRO B 215 16.02 -9.09 -6.63
N ILE B 216 17.25 -8.68 -6.96
CA ILE B 216 17.54 -8.30 -8.31
C ILE B 216 17.61 -9.57 -9.16
N PRO B 217 16.85 -9.64 -10.29
CA PRO B 217 16.89 -10.81 -11.18
C PRO B 217 18.31 -11.06 -11.73
N GLY B 218 18.58 -12.35 -11.92
CA GLY B 218 19.76 -12.85 -12.54
C GLY B 218 20.81 -13.17 -11.49
N PRO B 219 21.98 -13.69 -11.92
CA PRO B 219 23.02 -14.08 -10.98
C PRO B 219 23.69 -12.86 -10.32
N PRO B 220 24.49 -13.08 -9.28
CA PRO B 220 25.27 -11.98 -8.72
C PRO B 220 26.30 -11.50 -9.74
N VAL B 221 26.86 -10.33 -9.47
CA VAL B 221 27.83 -9.74 -10.33
C VAL B 221 28.95 -10.75 -10.58
N TRP B 222 29.38 -10.85 -11.83
CA TRP B 222 30.43 -11.73 -12.29
C TRP B 222 31.72 -11.49 -11.51
N ASP B 223 32.41 -12.54 -11.10
CA ASP B 223 33.69 -12.34 -10.43
C ASP B 223 34.87 -12.74 -11.34
N ALA B 224 35.62 -11.72 -11.79
CA ALA B 224 36.74 -11.92 -12.71
C ALA B 224 38.01 -12.21 -11.91
N THR C 2 -12.57 -0.57 18.57
CA THR C 2 -13.97 -0.43 18.16
C THR C 2 -14.82 -0.17 19.41
N ARG C 3 -16.00 0.43 19.22
CA ARG C 3 -16.98 0.55 20.28
C ARG C 3 -18.37 0.71 19.68
N MET C 4 -19.40 0.74 20.52
CA MET C 4 -20.77 0.78 19.97
C MET C 4 -21.26 2.22 19.73
N PHE C 5 -22.14 2.31 18.72
CA PHE C 5 -22.84 3.52 18.43
C PHE C 5 -24.27 3.44 18.97
N SER C 6 -25.03 2.41 18.61
CA SER C 6 -26.44 2.33 18.99
C SER C 6 -26.91 0.87 19.01
N VAL C 7 -28.15 0.69 19.47
CA VAL C 7 -28.82 -0.57 19.51
C VAL C 7 -30.08 -0.46 18.64
N TRP C 8 -30.38 -1.54 17.89
CA TRP C 8 -31.62 -1.62 17.10
C TRP C 8 -32.51 -2.73 17.68
N VAL C 9 -33.82 -2.49 17.73
CA VAL C 9 -34.77 -3.43 18.25
C VAL C 9 -35.65 -3.82 17.08
N ASN C 10 -35.60 -5.09 16.70
CA ASN C 10 -36.43 -5.60 15.61
C ASN C 10 -36.23 -4.71 14.39
N GLY C 11 -34.99 -4.37 14.09
CA GLY C 11 -34.71 -3.61 12.82
C GLY C 11 -34.98 -2.12 12.92
N VAL C 12 -35.31 -1.59 14.09
CA VAL C 12 -35.50 -0.15 14.30
C VAL C 12 -34.37 0.41 15.19
N ASP C 13 -33.57 1.30 14.59
CA ASP C 13 -32.52 2.05 15.28
C ASP C 13 -33.16 2.83 16.45
N GLN C 14 -32.60 2.66 17.66
CA GLN C 14 -33.06 3.37 18.86
C GLN C 14 -32.34 4.74 18.96
N GLY C 15 -31.32 4.96 18.12
CA GLY C 15 -30.63 6.24 18.02
C GLY C 15 -29.36 6.22 18.87
N ASP C 16 -28.44 7.15 18.59
CA ASP C 16 -27.16 7.20 19.30
C ASP C 16 -27.38 6.82 20.78
N GLY C 17 -26.75 5.74 21.21
CA GLY C 17 -26.92 5.33 22.59
C GLY C 17 -25.71 5.70 23.45
N GLN C 18 -24.70 6.38 22.89
CA GLN C 18 -23.43 6.56 23.63
C GLN C 18 -23.68 7.49 24.83
N ASN C 19 -23.45 6.97 26.05
CA ASN C 19 -23.68 7.68 27.33
C ASN C 19 -25.16 8.01 27.52
N VAL C 20 -26.02 7.24 26.84
CA VAL C 20 -27.48 7.34 26.94
C VAL C 20 -28.02 6.01 27.53
N TYR C 21 -27.88 4.91 26.77
CA TYR C 21 -28.17 3.51 27.29
C TYR C 21 -26.95 2.59 27.17
N ILE C 22 -25.87 3.09 26.61
CA ILE C 22 -24.62 2.36 26.52
C ILE C 22 -23.60 2.98 27.48
N ARG C 23 -22.92 2.16 28.27
CA ARG C 23 -21.85 2.66 29.15
C ARG C 23 -20.57 2.87 28.34
N THR C 24 -20.56 3.97 27.58
CA THR C 24 -19.56 4.21 26.56
C THR C 24 -18.20 4.47 27.21
N PRO C 25 -17.13 3.75 26.85
CA PRO C 25 -15.81 4.10 27.35
C PRO C 25 -15.32 5.37 26.67
N PRO C 26 -14.35 6.09 27.26
CA PRO C 26 -13.86 7.32 26.68
C PRO C 26 -13.23 7.15 25.29
N ASN C 27 -12.68 5.96 24.98
CA ASN C 27 -12.10 5.72 23.65
C ASN C 27 -12.17 4.23 23.36
N THR C 28 -11.49 3.79 22.29
CA THR C 28 -11.65 2.42 21.76
C THR C 28 -10.56 1.46 22.27
N ASP C 29 -9.77 1.90 23.26
CA ASP C 29 -8.67 1.12 23.74
C ASP C 29 -9.19 -0.21 24.28
N PRO C 30 -8.45 -1.31 24.04
CA PRO C 30 -8.82 -2.62 24.61
C PRO C 30 -8.46 -2.74 26.09
N ILE C 31 -9.19 -3.63 26.77
CA ILE C 31 -8.79 -4.23 28.04
C ILE C 31 -7.94 -5.45 27.75
N LYS C 32 -6.84 -5.63 28.50
CA LYS C 32 -5.97 -6.80 28.33
C LYS C 32 -5.75 -7.54 29.65
N ASP C 33 -5.73 -6.80 30.76
CA ASP C 33 -5.47 -7.34 32.07
C ASP C 33 -6.74 -8.04 32.60
N LEU C 34 -6.67 -9.38 32.68
CA LEU C 34 -7.77 -10.23 33.14
C LEU C 34 -8.14 -9.95 34.60
N ALA C 35 -7.26 -9.28 35.36
CA ALA C 35 -7.56 -8.86 36.74
C ALA C 35 -8.24 -7.49 36.79
N SER C 36 -8.33 -6.75 35.68
CA SER C 36 -8.93 -5.42 35.68
C SER C 36 -10.42 -5.50 35.92
N PRO C 37 -10.98 -4.65 36.80
CA PRO C 37 -12.43 -4.50 36.96
C PRO C 37 -13.15 -4.06 35.68
N ALA C 38 -12.40 -3.42 34.77
CA ALA C 38 -12.95 -2.95 33.48
C ALA C 38 -13.13 -4.09 32.47
N LEU C 39 -12.68 -5.31 32.79
CA LEU C 39 -12.89 -6.45 31.86
C LEU C 39 -14.38 -6.66 31.55
N ALA C 40 -15.25 -6.45 32.54
CA ALA C 40 -16.70 -6.72 32.37
C ALA C 40 -17.35 -5.61 31.52
N CYS C 41 -17.28 -4.33 31.95
CA CYS C 41 -18.06 -3.30 31.34
C CYS C 41 -17.22 -2.09 30.90
N ASN C 42 -15.90 -2.30 30.75
CA ASN C 42 -14.95 -1.33 30.23
C ASN C 42 -14.75 -0.24 31.30
N VAL C 43 -13.97 0.78 30.97
CA VAL C 43 -13.35 1.68 31.95
CA VAL C 43 -13.36 1.65 31.99
C VAL C 43 -14.40 2.59 32.64
N LYS C 44 -15.57 2.79 32.03
CA LYS C 44 -16.64 3.55 32.76
C LYS C 44 -17.82 2.64 33.10
N GLY C 45 -17.57 1.34 33.23
CA GLY C 45 -18.59 0.34 33.42
C GLY C 45 -19.49 0.60 34.62
N GLY C 46 -18.96 1.30 35.63
CA GLY C 46 -19.62 1.52 36.92
C GLY C 46 -20.44 2.80 36.99
N GLU C 47 -20.38 3.62 35.94
CA GLU C 47 -21.11 4.90 35.89
CA GLU C 47 -21.10 4.90 35.89
C GLU C 47 -22.43 4.66 35.21
N PRO C 48 -23.57 4.85 35.92
CA PRO C 48 -24.88 4.73 35.29
C PRO C 48 -25.09 5.73 34.15
N VAL C 49 -25.77 5.30 33.10
CA VAL C 49 -26.26 6.18 32.09
C VAL C 49 -27.77 6.23 32.28
N PRO C 50 -28.46 7.28 31.82
CA PRO C 50 -29.82 7.56 32.28
C PRO C 50 -30.93 6.70 31.66
N GLN C 51 -30.67 6.06 30.50
CA GLN C 51 -31.76 5.43 29.73
CA GLN C 51 -31.75 5.44 29.72
C GLN C 51 -31.54 3.92 29.66
N PHE C 52 -32.63 3.21 29.37
CA PHE C 52 -32.64 1.76 29.13
C PHE C 52 -33.26 1.47 27.77
N VAL C 53 -32.59 0.66 26.95
CA VAL C 53 -33.24 0.16 25.75
C VAL C 53 -34.56 -0.51 26.15
N SER C 54 -35.63 -0.09 25.50
CA SER C 54 -36.92 -0.70 25.65
C SER C 54 -37.04 -1.90 24.68
N ALA C 55 -37.21 -3.12 25.21
CA ALA C 55 -37.27 -4.33 24.36
C ALA C 55 -38.12 -5.37 25.06
N SER C 56 -38.57 -6.38 24.32
CA SER C 56 -39.36 -7.48 24.85
C SER C 56 -38.54 -8.77 24.77
N ALA C 57 -38.79 -9.69 25.71
CA ALA C 57 -38.25 -11.01 25.58
C ALA C 57 -38.67 -11.57 24.21
N GLY C 58 -37.71 -12.15 23.48
CA GLY C 58 -37.94 -12.73 22.16
C GLY C 58 -37.48 -11.82 21.03
N ASP C 59 -37.26 -10.53 21.34
CA ASP C 59 -36.89 -9.53 20.33
C ASP C 59 -35.51 -9.83 19.77
N LYS C 60 -35.33 -9.46 18.49
CA LYS C 60 -34.02 -9.45 17.85
C LYS C 60 -33.36 -8.10 18.12
N LEU C 61 -32.20 -8.11 18.76
CA LEU C 61 -31.44 -6.88 19.03
C LEU C 61 -30.25 -6.84 18.08
N THR C 62 -30.00 -5.66 17.52
CA THR C 62 -28.80 -5.43 16.76
C THR C 62 -27.91 -4.44 17.52
N PHE C 63 -26.65 -4.80 17.76
CA PHE C 63 -25.68 -3.87 18.35
C PHE C 63 -24.79 -3.38 17.21
N GLU C 64 -24.71 -2.05 17.07
CA GLU C 64 -23.98 -1.43 15.96
C GLU C 64 -22.65 -0.87 16.49
N TRP C 65 -21.54 -1.30 15.88
CA TRP C 65 -20.23 -0.89 16.24
C TRP C 65 -19.68 0.11 15.20
N TYR C 66 -18.61 0.81 15.58
CA TYR C 66 -17.83 1.63 14.68
C TYR C 66 -16.41 1.82 15.24
N ARG C 67 -15.53 2.42 14.45
CA ARG C 67 -14.12 2.52 14.85
C ARG C 67 -13.80 3.96 15.28
N VAL C 68 -13.93 4.90 14.34
CA VAL C 68 -13.69 6.32 14.57
C VAL C 68 -14.92 7.14 14.25
N LYS C 69 -15.62 6.83 13.16
CA LYS C 69 -16.84 7.51 12.83
C LYS C 69 -17.92 6.51 12.48
N ARG C 70 -19.18 6.79 12.83
CA ARG C 70 -20.30 5.93 12.47
C ARG C 70 -20.21 5.59 10.98
N GLY C 71 -20.39 4.30 10.66
CA GLY C 71 -20.47 3.81 9.29
C GLY C 71 -19.12 3.65 8.59
N ASP C 72 -18.06 3.50 9.37
CA ASP C 72 -16.68 3.38 8.80
C ASP C 72 -16.31 1.87 8.68
N ASP C 73 -15.01 1.55 8.83
CA ASP C 73 -14.48 0.24 8.62
C ASP C 73 -14.73 -0.65 9.85
N ILE C 74 -15.25 -0.07 10.95
CA ILE C 74 -15.77 -0.74 12.16
C ILE C 74 -14.64 -1.19 13.09
N ILE C 75 -13.67 -1.93 12.54
CA ILE C 75 -12.55 -2.48 13.28
CA ILE C 75 -12.55 -2.50 13.29
C ILE C 75 -11.50 -2.96 12.28
N ASP C 76 -10.22 -2.81 12.63
CA ASP C 76 -9.17 -3.22 11.72
C ASP C 76 -9.28 -4.72 11.47
N PRO C 77 -9.26 -5.20 10.21
CA PRO C 77 -9.44 -6.63 9.92
C PRO C 77 -8.38 -7.55 10.52
N SER C 78 -7.22 -7.02 10.91
CA SER C 78 -6.22 -7.81 11.68
C SER C 78 -6.82 -8.40 12.96
N HIS C 79 -7.91 -7.81 13.48
CA HIS C 79 -8.41 -8.08 14.84
C HIS C 79 -9.32 -9.31 14.88
N SER C 80 -8.89 -10.40 14.22
CA SER C 80 -9.68 -11.63 14.15
C SER C 80 -10.02 -12.13 15.57
N GLY C 81 -11.27 -12.58 15.75
CA GLY C 81 -11.64 -13.34 16.92
C GLY C 81 -13.15 -13.46 17.08
N PRO C 82 -13.60 -13.94 18.27
CA PRO C 82 -15.00 -14.21 18.56
C PRO C 82 -15.77 -12.96 19.00
N ILE C 83 -17.09 -13.05 18.98
CA ILE C 83 -17.95 -12.04 19.55
C ILE C 83 -18.97 -12.77 20.38
N THR C 84 -19.09 -12.41 21.66
CA THR C 84 -20.00 -13.06 22.61
C THR C 84 -20.94 -12.04 23.21
N THR C 85 -22.15 -12.46 23.56
CA THR C 85 -23.16 -11.62 24.17
C THR C 85 -23.65 -12.31 25.47
N TRP C 86 -23.75 -11.50 26.55
CA TRP C 86 -24.03 -11.96 27.92
C TRP C 86 -25.16 -11.10 28.50
N ILE C 87 -25.78 -11.59 29.59
CA ILE C 87 -26.82 -10.87 30.30
C ILE C 87 -26.60 -11.11 31.81
N ALA C 88 -26.87 -10.07 32.59
CA ALA C 88 -26.85 -10.06 34.05
C ALA C 88 -28.02 -9.25 34.57
N ALA C 89 -28.49 -9.55 35.78
CA ALA C 89 -29.52 -8.72 36.34
C ALA C 89 -28.93 -7.33 36.57
N PHE C 90 -29.77 -6.29 36.37
CA PHE C 90 -29.40 -4.94 36.73
C PHE C 90 -29.69 -4.80 38.24
N THR C 91 -28.66 -5.05 39.05
CA THR C 91 -28.82 -5.17 40.53
C THR C 91 -29.06 -3.78 41.15
N SER C 92 -28.28 -2.78 40.68
CA SER C 92 -28.31 -1.40 41.13
C SER C 92 -27.60 -0.54 40.08
N PRO C 93 -27.94 0.78 40.03
CA PRO C 93 -27.32 1.65 39.03
C PRO C 93 -25.78 1.62 39.05
N THR C 94 -25.13 1.49 40.23
CA THR C 94 -23.67 1.60 40.23
C THR C 94 -22.99 0.23 40.13
N MET C 95 -23.71 -0.79 39.69
CA MET C 95 -23.06 -2.04 39.33
C MET C 95 -22.02 -1.76 38.25
N ASP C 96 -20.93 -2.52 38.26
CA ASP C 96 -19.91 -2.35 37.20
C ASP C 96 -19.70 -3.67 36.44
N GLY C 97 -20.58 -4.64 36.72
CA GLY C 97 -20.58 -5.98 36.06
C GLY C 97 -19.49 -6.91 36.51
N THR C 98 -18.77 -6.53 37.58
CA THR C 98 -17.88 -7.46 38.27
C THR C 98 -18.71 -8.42 39.12
N GLY C 99 -18.03 -9.47 39.58
CA GLY C 99 -18.57 -10.52 40.41
C GLY C 99 -19.30 -11.60 39.63
N PRO C 100 -19.89 -12.60 40.33
CA PRO C 100 -20.53 -13.73 39.68
C PRO C 100 -22.00 -13.54 39.22
N VAL C 101 -22.18 -12.86 38.08
CA VAL C 101 -23.52 -12.37 37.72
C VAL C 101 -23.93 -12.70 36.27
N TRP C 102 -23.04 -13.20 35.41
CA TRP C 102 -23.30 -13.24 33.96
C TRP C 102 -23.72 -14.61 33.43
N SER C 103 -24.57 -14.54 32.39
CA SER C 103 -24.98 -15.71 31.64
C SER C 103 -24.77 -15.44 30.14
N LYS C 104 -24.19 -16.39 29.41
CA LYS C 104 -23.92 -16.25 27.99
C LYS C 104 -25.19 -16.53 27.20
N ILE C 105 -25.58 -15.61 26.30
CA ILE C 105 -26.80 -15.81 25.53
C ILE C 105 -26.53 -15.94 24.03
N HIS C 106 -25.32 -15.64 23.54
CA HIS C 106 -25.02 -15.80 22.15
C HIS C 106 -23.50 -15.80 21.94
N GLU C 107 -23.05 -16.55 20.94
CA GLU C 107 -21.60 -16.59 20.62
C GLU C 107 -21.39 -16.97 19.15
N GLU C 108 -20.34 -16.41 18.56
CA GLU C 108 -19.77 -16.87 17.33
C GLU C 108 -18.25 -16.75 17.48
N GLY C 109 -17.56 -17.80 17.04
CA GLY C 109 -16.13 -17.82 17.04
C GLY C 109 -15.59 -17.91 15.64
N TYR C 110 -14.95 -19.03 15.33
CA TYR C 110 -14.39 -19.35 14.04
C TYR C 110 -15.22 -20.44 13.37
N ASP C 111 -15.63 -20.22 12.12
CA ASP C 111 -16.37 -21.19 11.28
C ASP C 111 -15.41 -21.80 10.27
N ALA C 112 -15.08 -23.07 10.46
CA ALA C 112 -14.07 -23.74 9.65
C ALA C 112 -14.56 -23.91 8.19
N SER C 113 -15.88 -24.03 7.97
CA SER C 113 -16.45 -24.20 6.61
CA SER C 113 -16.48 -24.19 6.61
C SER C 113 -16.09 -23.00 5.72
N THR C 114 -16.20 -21.78 6.26
CA THR C 114 -15.95 -20.52 5.51
C THR C 114 -14.62 -19.85 5.89
N LYS C 115 -13.87 -20.43 6.84
CA LYS C 115 -12.61 -19.91 7.38
C LYS C 115 -12.80 -18.48 7.84
N SER C 116 -13.94 -18.23 8.50
CA SER C 116 -14.39 -16.91 8.80
C SER C 116 -14.56 -16.76 10.32
N TRP C 117 -14.00 -15.68 10.87
CA TRP C 117 -14.22 -15.31 12.26
C TRP C 117 -15.45 -14.43 12.40
N ALA C 118 -15.97 -14.36 13.62
CA ALA C 118 -17.04 -13.49 13.95
C ALA C 118 -16.70 -12.06 13.52
N VAL C 119 -15.46 -11.64 13.75
CA VAL C 119 -15.04 -10.28 13.42
C VAL C 119 -15.13 -10.05 11.90
N ASP C 120 -14.79 -11.06 11.08
CA ASP C 120 -14.96 -10.98 9.64
C ASP C 120 -16.42 -10.71 9.27
N LYS C 121 -17.34 -11.43 9.92
CA LYS C 121 -18.72 -11.27 9.66
C LYS C 121 -19.22 -9.88 10.09
N LEU C 122 -18.76 -9.41 11.25
CA LEU C 122 -19.09 -8.05 11.75
C LEU C 122 -18.77 -6.99 10.68
N ILE C 123 -17.56 -7.05 10.11
CA ILE C 123 -17.10 -6.10 9.09
C ILE C 123 -17.94 -6.21 7.82
N ALA C 124 -18.13 -7.44 7.31
CA ALA C 124 -18.90 -7.64 6.11
C ALA C 124 -20.34 -7.12 6.29
N ASN C 125 -20.87 -7.11 7.52
CA ASN C 125 -22.24 -6.65 7.76
CA ASN C 125 -22.24 -6.65 7.77
C ASN C 125 -22.25 -5.23 8.38
N LYS C 126 -21.17 -4.47 8.14
CA LYS C 126 -21.13 -3.02 8.42
C LYS C 126 -21.36 -2.75 9.91
N GLY C 127 -20.82 -3.63 10.77
CA GLY C 127 -20.77 -3.36 12.17
C GLY C 127 -22.10 -3.63 12.86
N MET C 128 -23.02 -4.30 12.17
CA MET C 128 -24.31 -4.67 12.76
C MET C 128 -24.17 -6.09 13.29
N TRP C 129 -24.32 -6.30 14.61
CA TRP C 129 -24.22 -7.66 15.22
C TRP C 129 -25.57 -8.04 15.84
N ASP C 130 -26.19 -9.12 15.38
CA ASP C 130 -27.57 -9.50 15.78
C ASP C 130 -27.58 -10.65 16.80
N PHE C 131 -28.55 -10.61 17.73
CA PHE C 131 -28.84 -11.73 18.63
C PHE C 131 -30.29 -11.59 19.10
N THR C 132 -30.79 -12.63 19.78
CA THR C 132 -32.15 -12.65 20.30
CA THR C 132 -32.15 -12.66 20.31
CA THR C 132 -32.16 -12.65 20.31
C THR C 132 -32.12 -12.60 21.84
N LEU C 133 -33.03 -11.84 22.43
CA LEU C 133 -33.23 -11.93 23.84
C LEU C 133 -34.07 -13.17 24.04
N PRO C 134 -33.67 -14.10 24.95
CA PRO C 134 -34.43 -15.34 25.14
C PRO C 134 -35.89 -15.03 25.48
N SER C 135 -36.82 -15.72 24.85
CA SER C 135 -38.24 -15.44 25.00
C SER C 135 -38.77 -15.80 26.39
N GLN C 136 -38.03 -16.63 27.12
CA GLN C 136 -38.41 -17.11 28.44
C GLN C 136 -37.98 -16.10 29.54
N LEU C 137 -37.15 -15.11 29.16
CA LEU C 137 -36.56 -14.16 30.09
C LEU C 137 -37.64 -13.52 30.98
N LYS C 138 -37.43 -13.57 32.29
CA LYS C 138 -38.29 -12.90 33.23
C LYS C 138 -38.20 -11.39 32.99
N PRO C 139 -39.34 -10.65 32.97
CA PRO C 139 -39.30 -9.20 32.74
CA PRO C 139 -39.30 -9.20 32.74
C PRO C 139 -38.55 -8.47 33.85
N GLY C 140 -37.86 -7.36 33.50
CA GLY C 140 -37.11 -6.53 34.45
C GLY C 140 -35.91 -5.88 33.78
N LYS C 141 -35.07 -5.20 34.58
CA LYS C 141 -33.93 -4.52 34.03
C LYS C 141 -32.72 -5.45 34.06
N TYR C 142 -31.95 -5.43 32.96
CA TYR C 142 -30.77 -6.23 32.81
C TYR C 142 -29.65 -5.38 32.22
N MET C 143 -28.43 -5.84 32.44
CA MET C 143 -27.32 -5.38 31.68
C MET C 143 -27.00 -6.45 30.64
N LEU C 144 -26.89 -6.01 29.37
CA LEU C 144 -26.41 -6.83 28.27
C LEU C 144 -24.96 -6.43 28.00
N ARG C 145 -24.10 -7.38 27.68
CA ARG C 145 -22.70 -7.13 27.46
C ARG C 145 -22.36 -7.84 26.15
N GLN C 146 -21.73 -7.11 25.23
CA GLN C 146 -21.24 -7.75 24.03
C GLN C 146 -19.76 -7.43 23.95
N GLU C 147 -18.98 -8.45 23.62
CA GLU C 147 -17.54 -8.37 23.66
C GLU C 147 -16.95 -8.87 22.33
N ILE C 148 -16.09 -8.07 21.73
CA ILE C 148 -15.24 -8.49 20.66
C ILE C 148 -13.88 -8.80 21.26
N VAL C 149 -13.32 -9.99 21.00
CA VAL C 149 -11.98 -10.32 21.42
C VAL C 149 -11.10 -10.43 20.16
N ALA C 150 -9.98 -9.68 20.14
CA ALA C 150 -9.05 -9.67 19.00
C ALA C 150 -7.79 -10.45 19.39
N HIS C 151 -7.36 -11.35 18.51
CA HIS C 151 -6.37 -12.36 18.82
C HIS C 151 -5.11 -12.11 17.99
N HIS C 152 -5.02 -10.93 17.35
CA HIS C 152 -3.81 -10.67 16.51
C HIS C 152 -2.54 -10.68 17.38
N GLU C 153 -2.67 -10.51 18.70
CA GLU C 153 -1.44 -10.56 19.60
C GLU C 153 -1.59 -11.61 20.73
N SER C 154 -2.53 -12.55 20.55
CA SER C 154 -2.85 -13.52 21.59
C SER C 154 -1.84 -14.67 21.64
N ASP C 155 -0.80 -14.65 20.78
CA ASP C 155 0.21 -15.69 20.81
C ASP C 155 1.18 -15.47 21.98
N ALA C 156 0.99 -14.38 22.74
CA ALA C 156 1.56 -14.26 24.10
C ALA C 156 0.42 -13.92 25.03
N THR C 157 0.62 -14.16 26.32
CA THR C 157 -0.38 -13.75 27.30
C THR C 157 0.11 -12.48 28.00
N PHE C 158 -0.85 -11.69 28.45
CA PHE C 158 -0.57 -10.36 29.04
C PHE C 158 0.31 -10.45 30.27
N ASP C 159 0.10 -11.50 31.08
CA ASP C 159 0.84 -11.70 32.32
C ASP C 159 2.33 -11.92 32.02
N LYS C 160 2.65 -12.49 30.85
CA LYS C 160 4.03 -12.78 30.49
C LYS C 160 4.63 -11.66 29.62
N ASN C 161 3.83 -11.09 28.70
CA ASN C 161 4.28 -10.00 27.83
C ASN C 161 3.18 -8.95 27.78
N PRO C 162 3.24 -7.89 28.63
CA PRO C 162 2.17 -6.91 28.67
C PRO C 162 2.01 -6.05 27.41
N LYS C 163 3.01 -6.06 26.51
CA LYS C 163 2.90 -5.37 25.22
C LYS C 163 1.99 -6.14 24.24
N ARG C 164 1.66 -7.40 24.55
CA ARG C 164 0.84 -8.26 23.67
C ARG C 164 -0.34 -8.81 24.48
N GLY C 165 -0.93 -9.92 24.00
CA GLY C 165 -2.04 -10.61 24.68
C GLY C 165 -3.37 -10.31 24.01
N ALA C 166 -4.37 -11.14 24.29
CA ALA C 166 -5.72 -10.97 23.81
C ALA C 166 -6.19 -9.55 24.15
N GLN C 167 -6.98 -8.97 23.22
CA GLN C 167 -7.54 -7.67 23.42
C GLN C 167 -9.07 -7.78 23.54
N PHE C 168 -9.64 -7.33 24.66
CA PHE C 168 -11.04 -7.44 24.91
C PHE C 168 -11.68 -6.07 24.68
N TYR C 169 -12.75 -6.04 23.88
CA TYR C 169 -13.56 -4.82 23.64
C TYR C 169 -14.99 -5.06 24.17
N PRO C 170 -15.19 -4.92 25.50
CA PRO C 170 -16.52 -5.11 26.08
C PRO C 170 -17.39 -3.84 25.98
N SER C 171 -18.69 -4.03 25.79
CA SER C 171 -19.67 -2.97 25.76
C SER C 171 -20.91 -3.40 26.52
N CYS C 172 -21.28 -2.66 27.57
CA CYS C 172 -22.44 -2.94 28.40
C CYS C 172 -23.53 -1.92 28.08
N VAL C 173 -24.75 -2.45 27.95
CA VAL C 173 -25.93 -1.77 27.52
C VAL C 173 -27.04 -2.01 28.53
N GLN C 174 -27.73 -0.96 28.95
CA GLN C 174 -28.83 -1.06 29.90
C GLN C 174 -30.13 -1.36 29.15
N VAL C 175 -30.84 -2.43 29.54
CA VAL C 175 -32.05 -2.86 28.84
C VAL C 175 -33.17 -3.12 29.87
N ASP C 176 -34.38 -2.64 29.53
CA ASP C 176 -35.59 -2.84 30.32
C ASP C 176 -36.51 -3.76 29.49
N VAL C 177 -36.56 -5.04 29.92
CA VAL C 177 -37.15 -6.13 29.19
C VAL C 177 -38.62 -6.26 29.61
N LYS C 178 -39.52 -6.15 28.63
CA LYS C 178 -40.93 -6.51 28.79
C LYS C 178 -41.08 -8.03 28.59
N GLY C 179 -41.84 -8.67 29.47
CA GLY C 179 -41.98 -10.14 29.43
C GLY C 179 -43.03 -10.55 28.43
N VAL C 180 -42.97 -11.79 27.95
CA VAL C 180 -44.00 -12.38 27.10
C VAL C 180 -44.50 -13.67 27.75
N GLY C 181 -44.33 -13.80 29.08
CA GLY C 181 -44.84 -14.97 29.80
C GLY C 181 -43.76 -15.82 30.44
N GLY C 182 -42.51 -15.47 30.20
CA GLY C 182 -41.37 -16.20 30.74
C GLY C 182 -41.04 -15.79 32.17
N ASP C 183 -40.42 -16.72 32.89
CA ASP C 183 -40.03 -16.54 34.25
C ASP C 183 -38.55 -16.91 34.45
N ALA C 184 -37.78 -17.12 33.38
CA ALA C 184 -36.43 -17.62 33.53
C ALA C 184 -35.48 -16.50 33.93
N VAL C 185 -34.67 -16.78 34.96
CA VAL C 185 -33.64 -15.83 35.42
C VAL C 185 -32.25 -16.41 35.09
N PRO C 186 -31.43 -15.70 34.32
CA PRO C 186 -30.08 -16.15 33.97
C PRO C 186 -29.29 -16.54 35.21
N ASP C 187 -28.70 -17.73 35.24
CA ASP C 187 -28.17 -18.25 36.50
C ASP C 187 -26.80 -18.90 36.34
N GLN C 188 -26.05 -18.59 35.28
CA GLN C 188 -24.70 -19.17 35.15
C GLN C 188 -23.74 -18.56 36.18
N ALA C 189 -24.02 -17.29 36.56
CA ALA C 189 -23.31 -16.49 37.56
C ALA C 189 -21.80 -16.49 37.26
N PHE C 190 -21.48 -16.28 35.98
CA PHE C 190 -20.11 -16.20 35.51
C PHE C 190 -19.49 -14.85 35.90
N ASP C 191 -18.20 -14.96 36.25
CA ASP C 191 -17.40 -13.88 36.77
C ASP C 191 -16.19 -13.75 35.86
N PHE C 192 -16.09 -12.65 35.05
CA PHE C 192 -15.05 -12.55 34.02
C PHE C 192 -13.65 -12.60 34.64
N ASN C 193 -13.44 -11.92 35.77
CA ASN C 193 -12.12 -11.78 36.38
C ASN C 193 -11.65 -13.12 36.94
N LYS C 194 -12.60 -13.94 37.40
CA LYS C 194 -12.26 -15.31 37.91
C LYS C 194 -12.24 -16.33 36.74
N GLY C 195 -13.18 -16.24 35.80
CA GLY C 195 -13.46 -17.31 34.81
C GLY C 195 -12.64 -17.22 33.51
N TYR C 196 -12.17 -16.01 33.18
CA TYR C 196 -11.20 -15.87 32.10
C TYR C 196 -9.80 -15.99 32.71
N LYS C 197 -9.02 -16.94 32.21
CA LYS C 197 -7.67 -17.22 32.69
C LYS C 197 -6.68 -17.23 31.50
N TYR C 198 -5.41 -16.92 31.79
CA TYR C 198 -4.34 -16.92 30.79
C TYR C 198 -4.08 -18.36 30.29
N SER C 199 -4.47 -19.37 31.08
CA SER C 199 -4.31 -20.78 30.70
C SER C 199 -5.36 -21.22 29.67
N ASP C 200 -6.42 -20.43 29.50
CA ASP C 200 -7.54 -20.81 28.62
C ASP C 200 -7.02 -20.88 27.18
N PRO C 201 -7.18 -22.01 26.45
CA PRO C 201 -6.72 -22.10 25.07
C PRO C 201 -7.38 -21.11 24.10
N GLY C 202 -8.53 -20.55 24.49
CA GLY C 202 -9.19 -19.55 23.69
C GLY C 202 -8.81 -18.10 24.03
N ILE C 203 -7.89 -17.93 24.99
CA ILE C 203 -7.31 -16.65 25.36
C ILE C 203 -5.82 -16.66 24.98
N ALA C 204 -5.12 -17.72 25.40
CA ALA C 204 -3.78 -18.05 24.94
C ALA C 204 -3.90 -18.80 23.62
N PHE C 205 -4.14 -18.04 22.54
CA PHE C 205 -4.49 -18.61 21.26
C PHE C 205 -3.57 -18.01 20.19
N ASP C 206 -2.95 -18.88 19.41
CA ASP C 206 -1.98 -18.53 18.33
C ASP C 206 -2.70 -18.61 16.99
N MET C 207 -3.08 -17.47 16.42
CA MET C 207 -3.83 -17.47 15.15
C MET C 207 -2.87 -17.61 13.97
N TYR C 208 -1.56 -17.63 14.24
CA TYR C 208 -0.52 -17.70 13.24
C TYR C 208 0.00 -19.15 13.12
N THR C 209 -0.91 -20.13 13.18
CA THR C 209 -0.63 -21.53 12.97
C THR C 209 -1.75 -22.13 12.12
N ASP C 210 -1.55 -23.38 11.70
CA ASP C 210 -2.62 -24.15 11.19
C ASP C 210 -3.51 -24.57 12.37
N PHE C 211 -4.67 -23.96 12.41
CA PHE C 211 -5.73 -24.32 13.29
C PHE C 211 -6.99 -24.51 12.42
N ASP C 212 -7.90 -25.32 12.96
CA ASP C 212 -9.13 -25.73 12.32
C ASP C 212 -10.34 -25.26 13.11
N SER C 213 -10.10 -24.89 14.38
CA SER C 213 -11.17 -24.58 15.31
C SER C 213 -10.67 -23.65 16.44
N TYR C 214 -11.62 -22.94 17.06
CA TYR C 214 -11.36 -22.04 18.11
C TYR C 214 -12.28 -22.36 19.29
N PRO C 215 -11.73 -22.56 20.52
CA PRO C 215 -12.55 -22.81 21.71
C PRO C 215 -12.99 -21.53 22.42
N ILE C 216 -14.29 -21.21 22.36
CA ILE C 216 -14.77 -19.97 22.86
C ILE C 216 -14.75 -20.02 24.40
N PRO C 217 -14.10 -19.04 25.08
CA PRO C 217 -14.06 -19.01 26.55
C PRO C 217 -15.48 -18.94 27.15
N GLY C 218 -15.59 -19.53 28.33
CA GLY C 218 -16.77 -19.46 29.15
C GLY C 218 -17.70 -20.64 28.88
N PRO C 219 -18.82 -20.71 29.59
CA PRO C 219 -19.73 -21.84 29.45
C PRO C 219 -20.49 -21.78 28.13
N PRO C 220 -21.20 -22.86 27.77
CA PRO C 220 -22.06 -22.81 26.59
C PRO C 220 -23.19 -21.80 26.83
N VAL C 221 -23.88 -21.45 25.77
CA VAL C 221 -24.96 -20.54 25.83
C VAL C 221 -25.98 -21.07 26.83
N TRP C 222 -26.49 -20.19 27.67
CA TRP C 222 -27.46 -20.48 28.69
C TRP C 222 -28.72 -21.13 28.11
N ASP C 223 -29.26 -22.15 28.76
CA ASP C 223 -30.51 -22.72 28.29
C ASP C 223 -31.69 -22.34 29.20
N ALA C 224 -32.57 -21.47 28.71
CA ALA C 224 -33.71 -20.98 29.44
C ALA C 224 -34.91 -21.95 29.31
N THR D 2 20.78 16.38 10.57
CA THR D 2 21.87 15.68 9.93
C THR D 2 23.19 16.34 10.39
N ARG D 3 24.31 15.61 10.31
CA ARG D 3 25.63 16.15 10.53
C ARG D 3 26.65 15.27 9.80
N MET D 4 27.93 15.69 9.84
CA MET D 4 28.93 14.99 9.04
C MET D 4 29.60 13.89 9.85
N PHE D 5 30.00 12.82 9.11
CA PHE D 5 30.75 11.76 9.64
C PHE D 5 32.24 11.92 9.29
N SER D 6 32.54 12.05 8.00
CA SER D 6 33.94 12.07 7.57
C SER D 6 34.06 12.81 6.23
N VAL D 7 35.30 13.00 5.82
CA VAL D 7 35.64 13.62 4.57
C VAL D 7 36.42 12.61 3.74
N TRP D 8 36.14 12.57 2.44
CA TRP D 8 36.94 11.73 1.47
C TRP D 8 37.73 12.65 0.51
N VAL D 9 38.95 12.27 0.22
CA VAL D 9 39.83 13.02 -0.66
C VAL D 9 40.08 12.14 -1.88
N ASN D 10 39.60 12.56 -3.05
CA ASN D 10 39.75 11.82 -4.29
C ASN D 10 39.31 10.37 -4.07
N GLY D 11 38.14 10.20 -3.46
CA GLY D 11 37.51 8.91 -3.27
C GLY D 11 38.12 8.05 -2.14
N VAL D 12 39.02 8.60 -1.33
CA VAL D 12 39.59 7.88 -0.18
C VAL D 12 39.07 8.48 1.14
N ASP D 13 38.33 7.65 1.91
CA ASP D 13 37.84 7.99 3.23
C ASP D 13 39.02 8.33 4.15
N GLN D 14 38.97 9.51 4.80
CA GLN D 14 40.02 9.96 5.74
C GLN D 14 39.75 9.41 7.15
N GLY D 15 38.56 8.81 7.34
CA GLY D 15 38.19 8.18 8.60
C GLY D 15 37.34 9.12 9.43
N ASP D 16 36.60 8.56 10.39
CA ASP D 16 35.75 9.36 11.28
C ASP D 16 36.44 10.69 11.58
N GLY D 17 35.82 11.78 11.15
CA GLY D 17 36.43 13.09 11.43
C GLY D 17 35.78 13.83 12.58
N GLN D 18 34.79 13.23 13.25
CA GLN D 18 33.99 13.98 14.22
C GLN D 18 34.86 14.30 15.43
N ASN D 19 35.03 15.61 15.68
CA ASN D 19 35.90 16.17 16.76
C ASN D 19 37.37 15.81 16.51
N VAL D 20 37.70 15.55 15.24
CA VAL D 20 39.08 15.24 14.77
C VAL D 20 39.51 16.36 13.80
N TYR D 21 38.84 16.43 12.63
CA TYR D 21 39.01 17.56 11.66
C TYR D 21 37.68 18.26 11.36
N ILE D 22 36.59 17.78 11.93
CA ILE D 22 35.29 18.39 11.82
C ILE D 22 34.91 19.02 13.15
N ARG D 23 34.46 20.28 13.15
CA ARG D 23 33.97 20.92 14.35
C ARG D 23 32.54 20.46 14.65
N THR D 24 32.42 19.24 15.18
CA THR D 24 31.16 18.53 15.25
C THR D 24 30.27 19.15 16.31
N PRO D 25 29.02 19.53 16.00
CA PRO D 25 28.10 19.97 17.04
C PRO D 25 27.69 18.80 17.92
N PRO D 26 27.24 19.06 19.16
CA PRO D 26 26.82 18.00 20.05
C PRO D 26 25.65 17.14 19.54
N ASN D 27 24.78 17.69 18.69
CA ASN D 27 23.69 16.86 18.11
C ASN D 27 23.33 17.43 16.74
N THR D 28 22.20 17.00 16.14
CA THR D 28 21.86 17.34 14.76
C THR D 28 20.88 18.53 14.68
N ASP D 29 20.66 19.24 15.79
CA ASP D 29 19.72 20.29 15.81
C ASP D 29 20.09 21.38 14.80
N PRO D 30 19.10 21.97 14.12
CA PRO D 30 19.36 23.08 13.19
C PRO D 30 19.59 24.42 13.90
N ILE D 31 20.31 25.31 13.22
CA ILE D 31 20.32 26.77 13.51
CA ILE D 31 20.33 26.77 13.51
C ILE D 31 19.19 27.44 12.71
N LYS D 32 18.46 28.34 13.37
CA LYS D 32 17.36 29.08 12.70
C LYS D 32 17.50 30.58 12.91
N ASP D 33 18.09 31.03 14.03
CA ASP D 33 18.23 32.46 14.29
C ASP D 33 19.43 33.01 13.49
N LEU D 34 19.14 33.84 12.48
CA LEU D 34 20.12 34.45 11.58
C LEU D 34 21.10 35.37 12.35
N ALA D 35 20.75 35.80 13.57
CA ALA D 35 21.69 36.56 14.43
C ALA D 35 22.58 35.62 15.27
N SER D 36 22.33 34.30 15.30
CA SER D 36 23.15 33.43 16.13
C SER D 36 24.57 33.33 15.58
N PRO D 37 25.59 33.41 16.49
CA PRO D 37 26.98 33.16 16.11
C PRO D 37 27.22 31.74 15.58
N ALA D 38 26.32 30.81 15.94
CA ALA D 38 26.42 29.42 15.50
C ALA D 38 25.97 29.22 14.06
N LEU D 39 25.44 30.25 13.40
CA LEU D 39 25.05 30.15 11.96
C LEU D 39 26.23 29.70 11.08
N ALA D 40 27.44 30.18 11.37
CA ALA D 40 28.59 29.90 10.49
C ALA D 40 29.10 28.45 10.69
N CYS D 41 29.49 28.08 11.91
CA CYS D 41 30.16 26.82 12.16
C CYS D 41 29.48 25.98 13.24
N ASN D 42 28.21 26.29 13.54
CA ASN D 42 27.36 25.51 14.44
C ASN D 42 27.81 25.79 15.88
N VAL D 43 27.20 25.10 16.85
CA VAL D 43 27.23 25.46 18.27
CA VAL D 43 27.26 25.53 18.24
C VAL D 43 28.65 25.27 18.86
N LYS D 44 29.51 24.44 18.26
CA LYS D 44 30.90 24.37 18.76
C LYS D 44 31.90 24.88 17.72
N GLY D 45 31.44 25.85 16.92
CA GLY D 45 32.20 26.41 15.82
C GLY D 45 33.56 26.96 16.24
N GLY D 46 33.61 27.46 17.47
CA GLY D 46 34.78 28.20 18.02
C GLY D 46 35.80 27.34 18.72
N GLU D 47 35.52 26.03 18.88
CA GLU D 47 36.41 25.11 19.55
CA GLU D 47 36.43 25.15 19.53
C GLU D 47 37.27 24.43 18.49
N PRO D 48 38.61 24.63 18.52
CA PRO D 48 39.51 23.94 17.61
C PRO D 48 39.48 22.41 17.82
N VAL D 49 39.55 21.66 16.71
CA VAL D 49 39.76 20.25 16.76
C VAL D 49 41.19 20.04 16.28
N PRO D 50 41.85 18.91 16.63
CA PRO D 50 43.30 18.82 16.53
C PRO D 50 43.87 18.60 15.13
N GLN D 51 43.05 18.11 14.17
CA GLN D 51 43.59 17.63 12.90
CA GLN D 51 43.53 17.58 12.90
C GLN D 51 43.06 18.47 11.75
N PHE D 52 43.82 18.45 10.65
CA PHE D 52 43.40 19.09 9.37
C PHE D 52 43.37 18.03 8.26
N VAL D 53 42.27 17.98 7.51
CA VAL D 53 42.25 17.17 6.33
C VAL D 53 43.42 17.58 5.45
N SER D 54 44.22 16.59 5.06
CA SER D 54 45.28 16.79 4.12
C SER D 54 44.76 16.68 2.68
N ALA D 55 44.85 17.76 1.90
CA ALA D 55 44.35 17.76 0.51
C ALA D 55 45.17 18.73 -0.35
N SER D 56 45.05 18.63 -1.67
CA SER D 56 45.71 19.53 -2.62
C SER D 56 44.66 20.37 -3.31
N ALA D 57 45.02 21.60 -3.67
CA ALA D 57 44.20 22.39 -4.55
C ALA D 57 43.90 21.55 -5.81
N GLY D 58 42.63 21.54 -6.21
CA GLY D 58 42.20 20.78 -7.36
C GLY D 58 41.54 19.45 -7.01
N ASP D 59 41.75 18.99 -5.75
CA ASP D 59 41.24 17.71 -5.32
C ASP D 59 39.71 17.77 -5.25
N LYS D 60 39.10 16.59 -5.49
CA LYS D 60 37.71 16.36 -5.24
C LYS D 60 37.56 15.92 -3.78
N LEU D 61 36.76 16.68 -3.02
CA LEU D 61 36.44 16.36 -1.65
C LEU D 61 35.01 15.82 -1.64
N THR D 62 34.81 14.75 -0.85
CA THR D 62 33.49 14.26 -0.56
C THR D 62 33.22 14.50 0.91
N PHE D 63 32.12 15.18 1.25
CA PHE D 63 31.69 15.31 2.64
C PHE D 63 30.55 14.31 2.84
N GLU D 64 30.71 13.43 3.85
CA GLU D 64 29.74 12.36 4.12
C GLU D 64 28.88 12.77 5.32
N TRP D 65 27.57 12.74 5.16
CA TRP D 65 26.64 13.09 6.17
C TRP D 65 25.92 11.83 6.70
N TYR D 66 25.25 11.96 7.86
CA TYR D 66 24.39 10.94 8.40
C TYR D 66 23.39 11.57 9.37
N ARG D 67 22.42 10.77 9.84
CA ARG D 67 21.35 11.32 10.67
C ARG D 67 21.55 10.87 12.14
N VAL D 68 21.49 9.56 12.38
CA VAL D 68 21.67 8.97 13.68
C VAL D 68 22.85 8.00 13.69
N LYS D 69 22.99 7.21 12.64
CA LYS D 69 24.11 6.29 12.54
C LYS D 69 24.68 6.38 11.12
N ARG D 70 25.99 6.25 11.00
CA ARG D 70 26.63 6.25 9.71
C ARG D 70 25.93 5.27 8.79
N GLY D 71 25.70 5.71 7.54
CA GLY D 71 25.14 4.85 6.49
C GLY D 71 23.62 4.72 6.57
N ASP D 72 22.95 5.65 7.26
CA ASP D 72 21.48 5.53 7.46
C ASP D 72 20.73 6.37 6.38
N ASP D 73 19.56 6.90 6.73
CA ASP D 73 18.71 7.63 5.81
C ASP D 73 19.20 9.07 5.59
N ILE D 74 20.22 9.51 6.34
CA ILE D 74 21.04 10.73 6.16
C ILE D 74 20.31 11.97 6.70
N ILE D 75 19.09 12.19 6.22
CA ILE D 75 18.27 13.33 6.57
C ILE D 75 16.83 13.01 6.14
N ASP D 76 15.88 13.47 6.91
CA ASP D 76 14.49 13.25 6.60
C ASP D 76 14.16 13.87 5.25
N PRO D 77 13.51 13.13 4.32
CA PRO D 77 13.24 13.66 2.98
C PRO D 77 12.34 14.90 2.92
N SER D 78 11.60 15.19 3.98
CA SER D 78 10.83 16.44 4.10
C SER D 78 11.73 17.67 3.96
N HIS D 79 13.05 17.50 4.24
CA HIS D 79 13.96 18.63 4.45
C HIS D 79 14.54 19.17 3.13
N SER D 80 13.69 19.31 2.12
CA SER D 80 14.12 19.79 0.79
C SER D 80 14.86 21.14 0.93
N GLY D 81 15.95 21.26 0.17
CA GLY D 81 16.56 22.55 -0.02
C GLY D 81 17.95 22.43 -0.64
N PRO D 82 18.72 23.55 -0.62
CA PRO D 82 20.06 23.66 -1.25
C PRO D 82 21.19 23.13 -0.37
N ILE D 83 22.34 22.92 -0.98
CA ILE D 83 23.55 22.61 -0.26
C ILE D 83 24.63 23.48 -0.85
N THR D 84 25.31 24.26 0.01
CA THR D 84 26.37 25.21 -0.43
C THR D 84 27.67 24.89 0.31
N THR D 85 28.78 25.14 -0.38
CA THR D 85 30.08 24.93 0.17
C THR D 85 30.89 26.26 0.06
N TRP D 86 31.57 26.63 1.16
CA TRP D 86 32.28 27.89 1.36
C TRP D 86 33.68 27.61 1.88
N ILE D 87 34.56 28.61 1.76
CA ILE D 87 35.93 28.54 2.24
C ILE D 87 36.28 29.89 2.85
N ALA D 88 37.05 29.84 3.93
CA ALA D 88 37.61 30.99 4.62
C ALA D 88 39.04 30.69 5.05
N ALA D 89 39.89 31.70 5.15
CA ALA D 89 41.19 31.44 5.66
C ALA D 89 41.06 30.91 7.12
N PHE D 90 41.96 30.03 7.51
CA PHE D 90 42.07 29.59 8.90
C PHE D 90 42.94 30.65 9.62
N THR D 91 42.27 31.66 10.19
CA THR D 91 42.96 32.87 10.71
C THR D 91 43.73 32.57 12.02
N SER D 92 43.05 31.83 12.92
CA SER D 92 43.59 31.34 14.19
C SER D 92 42.74 30.18 14.68
N PRO D 93 43.27 29.28 15.56
CA PRO D 93 42.52 28.13 16.01
C PRO D 93 41.15 28.44 16.62
N THR D 94 41.00 29.58 17.30
CA THR D 94 39.71 29.87 18.00
C THR D 94 38.79 30.75 17.16
N MET D 95 39.05 30.83 15.85
CA MET D 95 38.05 31.39 14.95
C MET D 95 36.74 30.62 15.09
N ASP D 96 35.62 31.29 14.91
CA ASP D 96 34.32 30.58 14.93
C ASP D 96 33.56 30.74 13.62
N GLY D 97 34.19 31.38 12.63
CA GLY D 97 33.60 31.56 11.32
C GLY D 97 32.62 32.72 11.21
N THR D 98 32.51 33.51 12.27
CA THR D 98 31.77 34.79 12.21
C THR D 98 32.65 35.82 11.54
N GLY D 99 32.01 36.92 11.17
CA GLY D 99 32.64 38.07 10.52
C GLY D 99 32.74 37.91 9.00
N PRO D 100 33.32 38.92 8.32
CA PRO D 100 33.34 38.94 6.85
C PRO D 100 34.51 38.18 6.18
N VAL D 101 34.42 36.85 6.13
CA VAL D 101 35.59 36.05 5.85
C VAL D 101 35.34 34.96 4.76
N TRP D 102 34.08 34.74 4.30
CA TRP D 102 33.78 33.54 3.48
C TRP D 102 33.67 33.82 1.98
N SER D 103 34.04 32.83 1.20
CA SER D 103 33.83 32.79 -0.26
C SER D 103 33.10 31.48 -0.66
N LYS D 104 32.09 31.58 -1.50
CA LYS D 104 31.31 30.41 -1.95
C LYS D 104 32.09 29.68 -3.04
N ILE D 105 32.26 28.36 -2.90
CA ILE D 105 33.01 27.60 -3.90
C ILE D 105 32.13 26.58 -4.63
N HIS D 106 30.91 26.28 -4.13
CA HIS D 106 30.08 25.34 -4.79
C HIS D 106 28.63 25.49 -4.32
N GLU D 107 27.69 25.23 -5.22
CA GLU D 107 26.24 25.30 -4.80
C GLU D 107 25.37 24.40 -5.69
N GLU D 108 24.35 23.80 -5.09
CA GLU D 108 23.25 23.20 -5.78
C GLU D 108 21.98 23.59 -5.02
N GLY D 109 20.97 23.97 -5.79
CA GLY D 109 19.69 24.31 -5.23
C GLY D 109 18.64 23.35 -5.74
N TYR D 110 17.72 23.90 -6.54
CA TYR D 110 16.64 23.20 -7.14
C TYR D 110 16.91 23.14 -8.65
N ASP D 111 16.82 21.93 -9.22
CA ASP D 111 17.01 21.69 -10.66
C ASP D 111 15.63 21.44 -11.26
N ALA D 112 15.19 22.42 -12.07
CA ALA D 112 13.85 22.40 -12.66
C ALA D 112 13.70 21.23 -13.63
N SER D 113 14.79 20.82 -14.31
CA SER D 113 14.74 19.76 -15.36
CA SER D 113 14.74 19.76 -15.36
C SER D 113 14.31 18.43 -14.72
N THR D 114 14.86 18.12 -13.54
CA THR D 114 14.57 16.85 -12.83
C THR D 114 13.64 17.01 -11.62
N LYS D 115 13.20 18.25 -11.36
CA LYS D 115 12.38 18.64 -10.18
C LYS D 115 13.03 18.11 -8.90
N SER D 116 14.35 18.25 -8.81
CA SER D 116 15.13 17.64 -7.80
C SER D 116 15.89 18.71 -6.98
N TRP D 117 15.81 18.60 -5.65
CA TRP D 117 16.60 19.46 -4.74
C TRP D 117 17.94 18.83 -4.43
N ALA D 118 18.90 19.65 -3.99
CA ALA D 118 20.19 19.16 -3.59
C ALA D 118 20.03 18.10 -2.50
N VAL D 119 19.10 18.31 -1.58
CA VAL D 119 18.84 17.33 -0.52
C VAL D 119 18.38 15.99 -1.12
N ASP D 120 17.54 15.99 -2.17
CA ASP D 120 17.15 14.76 -2.85
C ASP D 120 18.37 14.01 -3.38
N LYS D 121 19.30 14.75 -3.99
CA LYS D 121 20.47 14.14 -4.52
C LYS D 121 21.37 13.59 -3.38
N LEU D 122 21.51 14.33 -2.29
CA LEU D 122 22.28 13.88 -1.14
C LEU D 122 21.78 12.51 -0.65
N ILE D 123 20.46 12.36 -0.50
CA ILE D 123 19.82 11.10 -0.09
C ILE D 123 20.09 9.98 -1.10
N ALA D 124 19.82 10.23 -2.38
CA ALA D 124 19.99 9.24 -3.39
C ALA D 124 21.46 8.77 -3.45
N ASN D 125 22.42 9.63 -3.07
CA ASN D 125 23.85 9.25 -3.10
C ASN D 125 24.37 8.90 -1.68
N LYS D 126 23.46 8.53 -0.77
CA LYS D 126 23.86 7.92 0.53
C LYS D 126 24.72 8.90 1.35
N GLY D 127 24.37 10.18 1.27
CA GLY D 127 24.96 11.20 2.11
C GLY D 127 26.33 11.61 1.69
N MET D 128 26.75 11.24 0.48
CA MET D 128 28.04 11.66 -0.06
C MET D 128 27.84 12.92 -0.90
N TRP D 129 28.48 14.04 -0.54
CA TRP D 129 28.34 15.32 -1.30
C TRP D 129 29.70 15.74 -1.83
N ASP D 130 29.83 15.86 -3.15
CA ASP D 130 31.15 16.10 -3.80
C ASP D 130 31.34 17.58 -4.21
N PHE D 131 32.59 18.06 -4.15
CA PHE D 131 32.94 19.36 -4.69
C PHE D 131 34.45 19.36 -4.90
N THR D 132 34.93 20.36 -5.65
CA THR D 132 36.35 20.50 -5.99
CA THR D 132 36.34 20.50 -5.98
C THR D 132 36.90 21.73 -5.26
N LEU D 133 38.10 21.61 -4.72
CA LEU D 133 38.79 22.76 -4.25
C LEU D 133 39.33 23.41 -5.52
N PRO D 134 39.16 24.75 -5.74
CA PRO D 134 39.74 25.44 -6.88
C PRO D 134 41.24 25.14 -6.98
N SER D 135 41.70 24.83 -8.18
CA SER D 135 43.09 24.45 -8.40
C SER D 135 44.06 25.64 -8.26
N GLN D 136 43.54 26.85 -8.28
CA GLN D 136 44.34 28.06 -8.19
C GLN D 136 44.55 28.46 -6.73
N LEU D 137 43.84 27.80 -5.80
CA LEU D 137 43.87 28.15 -4.37
C LEU D 137 45.34 28.23 -3.89
N LYS D 138 45.66 29.33 -3.24
CA LYS D 138 46.95 29.47 -2.60
C LYS D 138 47.09 28.43 -1.49
N PRO D 139 48.25 27.76 -1.34
CA PRO D 139 48.46 26.78 -0.28
C PRO D 139 48.36 27.42 1.12
N GLY D 140 47.84 26.65 2.10
CA GLY D 140 47.69 27.08 3.49
C GLY D 140 46.50 26.44 4.15
N LYS D 141 46.20 26.84 5.38
CA LYS D 141 45.12 26.28 6.15
C LYS D 141 43.85 27.09 5.87
N TYR D 142 42.74 26.39 5.72
CA TYR D 142 41.45 26.98 5.49
C TYR D 142 40.41 26.27 6.35
N MET D 143 39.30 26.98 6.56
CA MET D 143 38.11 26.34 7.02
C MET D 143 37.19 26.18 5.81
N LEU D 144 36.69 24.96 5.63
CA LEU D 144 35.63 24.68 4.66
CA LEU D 144 35.62 24.71 4.65
C LEU D 144 34.31 24.60 5.42
N ARG D 145 33.24 25.14 4.87
CA ARG D 145 31.93 25.07 5.48
C ARG D 145 30.96 24.47 4.44
N GLN D 146 30.19 23.48 4.86
CA GLN D 146 29.14 22.96 4.00
C GLN D 146 27.86 23.07 4.79
N GLU D 147 26.81 23.51 4.11
CA GLU D 147 25.56 23.85 4.77
C GLU D 147 24.41 23.23 3.98
N ILE D 148 23.58 22.44 4.68
CA ILE D 148 22.32 22.02 4.15
C ILE D 148 21.25 22.97 4.71
N VAL D 149 20.39 23.52 3.83
CA VAL D 149 19.27 24.33 4.31
C VAL D 149 17.98 23.59 3.98
N ALA D 150 17.12 23.40 5.00
CA ALA D 150 15.82 22.71 4.83
C ALA D 150 14.68 23.75 4.87
N HIS D 151 13.77 23.66 3.92
CA HIS D 151 12.77 24.67 3.64
C HIS D 151 11.35 24.14 3.91
N HIS D 152 11.25 23.00 4.57
CA HIS D 152 9.88 22.44 4.83
C HIS D 152 9.07 23.39 5.72
N GLU D 153 9.73 24.29 6.46
CA GLU D 153 8.98 25.30 7.31
C GLU D 153 9.37 26.76 6.99
N SER D 154 9.92 26.96 5.79
CA SER D 154 10.46 28.27 5.42
C SER D 154 9.34 29.19 4.93
N ASP D 155 8.07 28.75 4.92
CA ASP D 155 6.97 29.61 4.48
C ASP D 155 6.62 30.64 5.57
N ALA D 156 7.27 30.53 6.74
CA ALA D 156 7.34 31.63 7.73
C ALA D 156 8.82 31.89 8.01
N THR D 157 9.12 33.07 8.52
CA THR D 157 10.46 33.38 8.95
C THR D 157 10.51 33.31 10.48
N PHE D 158 11.71 33.01 10.97
CA PHE D 158 11.98 32.76 12.39
C PHE D 158 11.65 33.98 13.25
N ASP D 159 11.95 35.19 12.73
CA ASP D 159 11.75 36.42 13.47
C ASP D 159 10.26 36.63 13.74
N LYS D 160 9.39 36.11 12.87
CA LYS D 160 7.93 36.29 13.02
C LYS D 160 7.30 35.07 13.74
N ASN D 161 7.74 33.85 13.41
CA ASN D 161 7.25 32.62 14.05
C ASN D 161 8.44 31.75 14.41
N PRO D 162 8.96 31.79 15.64
CA PRO D 162 10.16 31.04 16.00
C PRO D 162 9.99 29.51 15.97
N LYS D 163 8.74 29.02 15.97
CA LYS D 163 8.51 27.55 15.81
C LYS D 163 8.77 27.08 14.37
N ARG D 164 8.90 28.01 13.41
CA ARG D 164 9.08 27.69 11.99
C ARG D 164 10.33 28.40 11.49
N GLY D 165 10.44 28.52 10.15
CA GLY D 165 11.58 29.19 9.47
C GLY D 165 12.56 28.16 8.91
N ALA D 166 13.42 28.67 8.02
CA ALA D 166 14.47 27.90 7.39
C ALA D 166 15.30 27.25 8.50
N GLN D 167 15.77 26.03 8.23
CA GLN D 167 16.65 25.30 9.10
C GLN D 167 18.03 25.16 8.48
N PHE D 168 19.08 25.67 9.14
CA PHE D 168 20.40 25.66 8.64
C PHE D 168 21.19 24.57 9.35
N TYR D 169 21.88 23.72 8.57
CA TYR D 169 22.73 22.64 9.11
C TYR D 169 24.17 22.87 8.65
N PRO D 170 24.90 23.76 9.32
CA PRO D 170 26.27 24.06 8.89
C PRO D 170 27.30 23.09 9.49
N SER D 171 28.38 22.82 8.75
CA SER D 171 29.45 21.95 9.18
C SER D 171 30.78 22.50 8.70
N CYS D 172 31.70 22.79 9.63
CA CYS D 172 33.00 23.35 9.36
C CYS D 172 34.07 22.29 9.55
N VAL D 173 34.99 22.26 8.57
CA VAL D 173 36.00 21.28 8.44
C VAL D 173 37.36 21.98 8.30
N GLN D 174 38.37 21.53 9.06
CA GLN D 174 39.70 22.11 9.00
C GLN D 174 40.52 21.43 7.91
N VAL D 175 41.07 22.22 6.98
CA VAL D 175 41.78 21.66 5.82
C VAL D 175 43.13 22.36 5.67
N ASP D 176 44.14 21.54 5.37
CA ASP D 176 45.50 22.02 5.10
C ASP D 176 45.79 21.70 3.62
N VAL D 177 45.72 22.74 2.79
CA VAL D 177 45.76 22.67 1.36
C VAL D 177 47.22 22.76 0.89
N LYS D 178 47.65 21.74 0.15
CA LYS D 178 48.89 21.80 -0.64
C LYS D 178 48.58 22.49 -1.99
N GLY D 179 49.50 23.40 -2.38
CA GLY D 179 49.35 24.15 -3.61
C GLY D 179 49.75 23.34 -4.83
N VAL D 180 49.20 23.67 -6.01
CA VAL D 180 49.68 23.11 -7.26
C VAL D 180 50.09 24.25 -8.20
N GLY D 181 50.48 25.40 -7.62
CA GLY D 181 51.02 26.53 -8.36
C GLY D 181 50.14 27.78 -8.30
N GLY D 182 48.98 27.67 -7.64
CA GLY D 182 48.04 28.75 -7.55
C GLY D 182 48.39 29.76 -6.46
N ASP D 183 47.90 30.99 -6.65
CA ASP D 183 48.11 32.06 -5.72
C ASP D 183 46.78 32.71 -5.31
N ALA D 184 45.62 32.14 -5.66
CA ALA D 184 44.37 32.82 -5.45
C ALA D 184 43.94 32.75 -3.97
N VAL D 185 43.59 33.91 -3.43
CA VAL D 185 43.06 34.03 -2.07
C VAL D 185 41.58 34.38 -2.11
N PRO D 186 40.71 33.53 -1.55
CA PRO D 186 39.25 33.79 -1.53
C PRO D 186 38.95 35.17 -0.93
N ASP D 187 38.18 36.02 -1.63
CA ASP D 187 38.06 37.38 -1.24
C ASP D 187 36.64 37.92 -1.28
N GLN D 188 35.62 37.07 -1.23
CA GLN D 188 34.25 37.55 -1.22
C GLN D 188 33.91 38.21 0.13
N ALA D 189 34.56 37.76 1.20
CA ALA D 189 34.44 38.26 2.56
C ALA D 189 32.96 38.32 3.01
N PHE D 190 32.25 37.24 2.71
CA PHE D 190 30.86 37.12 3.07
C PHE D 190 30.73 36.77 4.58
N ASP D 191 29.68 37.35 5.17
CA ASP D 191 29.42 37.31 6.60
C ASP D 191 27.98 36.82 6.75
N PHE D 192 27.78 35.60 7.27
CA PHE D 192 26.45 34.95 7.26
C PHE D 192 25.45 35.75 8.08
N ASN D 193 25.86 36.29 9.24
CA ASN D 193 24.96 37.01 10.15
C ASN D 193 24.51 38.35 9.53
N LYS D 194 25.35 38.96 8.71
CA LYS D 194 25.00 40.21 8.02
C LYS D 194 24.29 39.90 6.68
N GLY D 195 24.79 38.91 5.93
CA GLY D 195 24.39 38.69 4.51
C GLY D 195 23.17 37.77 4.32
N TYR D 196 22.86 36.91 5.29
CA TYR D 196 21.60 36.17 5.25
C TYR D 196 20.55 37.00 5.99
N LYS D 197 19.45 37.32 5.29
CA LYS D 197 18.37 38.12 5.83
C LYS D 197 17.03 37.42 5.71
N TYR D 198 16.08 37.76 6.61
CA TYR D 198 14.71 37.19 6.56
C TYR D 198 13.99 37.63 5.27
N SER D 199 14.43 38.74 4.67
CA SER D 199 13.82 39.30 3.45
C SER D 199 14.29 38.53 2.22
N ASP D 200 15.36 37.75 2.32
CA ASP D 200 15.92 37.03 1.19
C ASP D 200 14.88 36.03 0.66
N PRO D 201 14.52 36.06 -0.64
CA PRO D 201 13.51 35.12 -1.16
C PRO D 201 13.94 33.64 -1.09
N GLY D 202 15.25 33.38 -0.93
CA GLY D 202 15.76 32.03 -0.78
C GLY D 202 15.80 31.54 0.68
N ILE D 203 15.38 32.42 1.62
CA ILE D 203 15.26 32.10 3.02
C ILE D 203 13.79 32.10 3.41
N ALA D 204 13.11 33.19 3.06
CA ALA D 204 11.66 33.31 3.11
C ALA D 204 11.08 32.66 1.83
N PHE D 205 11.05 31.33 1.82
CA PHE D 205 10.79 30.57 0.63
C PHE D 205 9.65 29.60 0.93
N ASP D 206 8.62 29.64 0.08
CA ASP D 206 7.42 28.80 0.20
C ASP D 206 7.53 27.64 -0.81
N MET D 207 7.87 26.43 -0.33
CA MET D 207 8.03 25.28 -1.24
C MET D 207 6.67 24.66 -1.57
N TYR D 208 5.58 25.17 -0.98
CA TYR D 208 4.24 24.65 -1.15
C TYR D 208 3.48 25.48 -2.19
N THR D 209 4.11 25.74 -3.33
CA THR D 209 3.55 26.46 -4.49
C THR D 209 4.01 25.76 -5.78
N ASP D 210 3.42 26.16 -6.88
CA ASP D 210 3.98 25.95 -8.19
C ASP D 210 5.20 26.85 -8.36
N PHE D 211 6.41 26.31 -8.16
CA PHE D 211 7.60 27.07 -8.38
C PHE D 211 8.46 26.23 -9.34
N ASP D 212 9.32 26.97 -10.04
CA ASP D 212 10.13 26.55 -11.14
C ASP D 212 11.59 26.67 -10.81
N SER D 213 11.92 27.43 -9.77
CA SER D 213 13.28 27.85 -9.49
C SER D 213 13.42 28.27 -8.01
N TYR D 214 14.66 28.22 -7.53
CA TYR D 214 14.98 28.59 -6.19
C TYR D 214 16.19 29.50 -6.24
N PRO D 215 16.12 30.71 -5.64
CA PRO D 215 17.27 31.62 -5.58
C PRO D 215 18.23 31.37 -4.41
N ILE D 216 19.42 30.86 -4.70
CA ILE D 216 20.30 30.40 -3.66
C ILE D 216 20.88 31.64 -2.96
N PRO D 217 20.77 31.76 -1.62
CA PRO D 217 21.32 32.91 -0.89
C PRO D 217 22.84 33.04 -1.10
N GLY D 218 23.29 34.29 -1.06
CA GLY D 218 24.67 34.63 -1.12
C GLY D 218 25.10 34.93 -2.55
N PRO D 219 26.37 35.29 -2.73
CA PRO D 219 26.87 35.64 -4.04
C PRO D 219 27.05 34.40 -4.91
N PRO D 220 27.30 34.59 -6.22
CA PRO D 220 27.67 33.49 -7.07
C PRO D 220 28.98 32.87 -6.59
N VAL D 221 29.25 31.65 -7.05
CA VAL D 221 30.44 30.95 -6.74
C VAL D 221 31.62 31.85 -7.10
N TRP D 222 32.61 31.91 -6.20
CA TRP D 222 33.83 32.70 -6.34
C TRP D 222 34.58 32.35 -7.63
N ASP D 223 35.09 33.35 -8.34
CA ASP D 223 35.88 33.11 -9.53
C ASP D 223 37.37 33.39 -9.26
N ALA D 224 38.15 32.30 -9.21
CA ALA D 224 39.58 32.34 -8.88
C ALA D 224 40.44 32.73 -10.10
#